data_2HTS
# 
_entry.id   2HTS 
# 
_audit_conform.dict_name       mmcif_pdbx.dic 
_audit_conform.dict_version    5.387 
_audit_conform.dict_location   http://mmcif.pdb.org/dictionaries/ascii/mmcif_pdbx.dic 
# 
loop_
_database_2.database_id 
_database_2.database_code 
_database_2.pdbx_database_accession 
_database_2.pdbx_DOI 
PDB   2HTS         pdb_00002hts 10.2210/pdb2hts/pdb 
WWPDB D_1000178227 ?            ?                   
# 
loop_
_pdbx_audit_revision_history.ordinal 
_pdbx_audit_revision_history.data_content_type 
_pdbx_audit_revision_history.major_revision 
_pdbx_audit_revision_history.minor_revision 
_pdbx_audit_revision_history.revision_date 
1 'Structure model' 1 0 1995-02-07 
2 'Structure model' 1 1 2008-03-24 
3 'Structure model' 1 2 2011-07-13 
4 'Structure model' 1 3 2024-02-14 
# 
_pdbx_audit_revision_details.ordinal             1 
_pdbx_audit_revision_details.revision_ordinal    1 
_pdbx_audit_revision_details.data_content_type   'Structure model' 
_pdbx_audit_revision_details.provider            repository 
_pdbx_audit_revision_details.type                'Initial release' 
_pdbx_audit_revision_details.description         ? 
_pdbx_audit_revision_details.details             ? 
# 
loop_
_pdbx_audit_revision_group.ordinal 
_pdbx_audit_revision_group.revision_ordinal 
_pdbx_audit_revision_group.data_content_type 
_pdbx_audit_revision_group.group 
1 2 'Structure model' 'Version format compliance' 
2 3 'Structure model' 'Version format compliance' 
3 4 'Structure model' 'Data collection'           
4 4 'Structure model' 'Database references'       
5 4 'Structure model' 'Derived calculations'      
6 4 'Structure model' Other                       
# 
loop_
_pdbx_audit_revision_category.ordinal 
_pdbx_audit_revision_category.revision_ordinal 
_pdbx_audit_revision_category.data_content_type 
_pdbx_audit_revision_category.category 
1 4 'Structure model' chem_comp_atom       
2 4 'Structure model' chem_comp_bond       
3 4 'Structure model' database_2           
4 4 'Structure model' pdbx_database_status 
5 4 'Structure model' struct_site          
# 
loop_
_pdbx_audit_revision_item.ordinal 
_pdbx_audit_revision_item.revision_ordinal 
_pdbx_audit_revision_item.data_content_type 
_pdbx_audit_revision_item.item 
1 4 'Structure model' '_database_2.pdbx_DOI'                
2 4 'Structure model' '_database_2.pdbx_database_accession' 
3 4 'Structure model' '_pdbx_database_status.process_site'  
4 4 'Structure model' '_struct_site.pdbx_auth_asym_id'      
5 4 'Structure model' '_struct_site.pdbx_auth_comp_id'      
6 4 'Structure model' '_struct_site.pdbx_auth_seq_id'       
# 
_pdbx_database_status.status_code                     REL 
_pdbx_database_status.entry_id                        2HTS 
_pdbx_database_status.recvd_initial_deposition_date   1994-06-02 
_pdbx_database_status.deposit_site                    ? 
_pdbx_database_status.process_site                    BNL 
_pdbx_database_status.SG_entry                        . 
_pdbx_database_status.pdb_format_compatible           Y 
_pdbx_database_status.status_code_mr                  ? 
_pdbx_database_status.status_code_sf                  ? 
_pdbx_database_status.status_code_cs                  ? 
_pdbx_database_status.status_code_nmr_data            ? 
_pdbx_database_status.methods_development_category    ? 
# 
loop_
_audit_author.name 
_audit_author.pdbx_ordinal 
'Harrison, C.' 1 
'Nelson, H.'   2 
# 
_citation.id                        primary 
_citation.title                     'Crystal structure of the DNA binding domain of the heat shock transcription factor.' 
_citation.journal_abbrev            Science 
_citation.journal_volume            263 
_citation.page_first                224 
_citation.page_last                 227 
_citation.year                      1994 
_citation.journal_id_ASTM           SCIEAS 
_citation.country                   US 
_citation.journal_id_ISSN           0036-8075 
_citation.journal_id_CSD            0038 
_citation.book_publisher            ? 
_citation.pdbx_database_id_PubMed   8284672 
_citation.pdbx_database_id_DOI      ? 
# 
loop_
_citation_author.citation_id 
_citation_author.name 
_citation_author.ordinal 
_citation_author.identifier_ORCID 
primary 'Harrison, C.J.' 1 ? 
primary 'Bohm, A.A.'     2 ? 
primary 'Nelson, H.C.'   3 ? 
# 
loop_
_entity.id 
_entity.type 
_entity.src_method 
_entity.pdbx_description 
_entity.formula_weight 
_entity.pdbx_number_of_molecules 
_entity.pdbx_ec 
_entity.pdbx_mutation 
_entity.pdbx_fragment 
_entity.details 
1 polymer     man 'HEAT-SHOCK TRANSCRIPTION FACTOR' 10950.279 1  ? ? ? ? 
2 non-polymer syn 'ACETIC ACID'                     60.052    2  ? ? ? ? 
3 water       nat water                             18.015    81 ? ? ? ? 
# 
_entity_poly.entity_id                      1 
_entity_poly.type                           'polypeptide(L)' 
_entity_poly.nstd_linkage                   no 
_entity_poly.nstd_monomer                   no 
_entity_poly.pdbx_seq_one_letter_code       
;ARPAFVNKLWSMVNDKSNEKFIHWSTSGESIVVPNRERFVQEVLPKYFKHSNFASFVRQLNMYGWHKVQDVKSGSMLSNN
DSRWEFENERHA
;
_entity_poly.pdbx_seq_one_letter_code_can   
;ARPAFVNKLWSMVNDKSNEKFIHWSTSGESIVVPNRERFVQEVLPKYFKHSNFASFVRQLNMYGWHKVQDVKSGSMLSNN
DSRWEFENERHA
;
_entity_poly.pdbx_strand_id                 A 
_entity_poly.pdbx_target_identifier         ? 
# 
loop_
_pdbx_entity_nonpoly.entity_id 
_pdbx_entity_nonpoly.name 
_pdbx_entity_nonpoly.comp_id 
2 'ACETIC ACID' ACY 
3 water         HOH 
# 
loop_
_entity_poly_seq.entity_id 
_entity_poly_seq.num 
_entity_poly_seq.mon_id 
_entity_poly_seq.hetero 
1 1  ALA n 
1 2  ARG n 
1 3  PRO n 
1 4  ALA n 
1 5  PHE n 
1 6  VAL n 
1 7  ASN n 
1 8  LYS n 
1 9  LEU n 
1 10 TRP n 
1 11 SER n 
1 12 MET n 
1 13 VAL n 
1 14 ASN n 
1 15 ASP n 
1 16 LYS n 
1 17 SER n 
1 18 ASN n 
1 19 GLU n 
1 20 LYS n 
1 21 PHE n 
1 22 ILE n 
1 23 HIS n 
1 24 TRP n 
1 25 SER n 
1 26 THR n 
1 27 SER n 
1 28 GLY n 
1 29 GLU n 
1 30 SER n 
1 31 ILE n 
1 32 VAL n 
1 33 VAL n 
1 34 PRO n 
1 35 ASN n 
1 36 ARG n 
1 37 GLU n 
1 38 ARG n 
1 39 PHE n 
1 40 VAL n 
1 41 GLN n 
1 42 GLU n 
1 43 VAL n 
1 44 LEU n 
1 45 PRO n 
1 46 LYS n 
1 47 TYR n 
1 48 PHE n 
1 49 LYS n 
1 50 HIS n 
1 51 SER n 
1 52 ASN n 
1 53 PHE n 
1 54 ALA n 
1 55 SER n 
1 56 PHE n 
1 57 VAL n 
1 58 ARG n 
1 59 GLN n 
1 60 LEU n 
1 61 ASN n 
1 62 MET n 
1 63 TYR n 
1 64 GLY n 
1 65 TRP n 
1 66 HIS n 
1 67 LYS n 
1 68 VAL n 
1 69 GLN n 
1 70 ASP n 
1 71 VAL n 
1 72 LYS n 
1 73 SER n 
1 74 GLY n 
1 75 SER n 
1 76 MET n 
1 77 LEU n 
1 78 SER n 
1 79 ASN n 
1 80 ASN n 
1 81 ASP n 
1 82 SER n 
1 83 ARG n 
1 84 TRP n 
1 85 GLU n 
1 86 PHE n 
1 87 GLU n 
1 88 ASN n 
1 89 GLU n 
1 90 ARG n 
1 91 HIS n 
1 92 ALA n 
# 
_entity_src_gen.entity_id                          1 
_entity_src_gen.pdbx_src_id                        1 
_entity_src_gen.pdbx_alt_source_flag               sample 
_entity_src_gen.pdbx_seq_type                      ? 
_entity_src_gen.pdbx_beg_seq_num                   ? 
_entity_src_gen.pdbx_end_seq_num                   ? 
_entity_src_gen.gene_src_common_name               ? 
_entity_src_gen.gene_src_genus                     Kluyveromyces 
_entity_src_gen.pdbx_gene_src_gene                 ? 
_entity_src_gen.gene_src_species                   ? 
_entity_src_gen.gene_src_strain                    ? 
_entity_src_gen.gene_src_tissue                    ? 
_entity_src_gen.gene_src_tissue_fraction           ? 
_entity_src_gen.gene_src_details                   ? 
_entity_src_gen.pdbx_gene_src_fragment             ? 
_entity_src_gen.pdbx_gene_src_scientific_name      'Kluyveromyces lactis' 
_entity_src_gen.pdbx_gene_src_ncbi_taxonomy_id     28985 
_entity_src_gen.pdbx_gene_src_variant              ? 
_entity_src_gen.pdbx_gene_src_cell_line            ? 
_entity_src_gen.pdbx_gene_src_atcc                 ? 
_entity_src_gen.pdbx_gene_src_organ                ? 
_entity_src_gen.pdbx_gene_src_organelle            ? 
_entity_src_gen.pdbx_gene_src_cell                 ? 
_entity_src_gen.pdbx_gene_src_cellular_location    ? 
_entity_src_gen.host_org_common_name               ? 
_entity_src_gen.pdbx_host_org_scientific_name      ? 
_entity_src_gen.pdbx_host_org_ncbi_taxonomy_id     ? 
_entity_src_gen.host_org_genus                     ? 
_entity_src_gen.pdbx_host_org_gene                 ? 
_entity_src_gen.pdbx_host_org_organ                ? 
_entity_src_gen.host_org_species                   ? 
_entity_src_gen.pdbx_host_org_tissue               ? 
_entity_src_gen.pdbx_host_org_tissue_fraction      ? 
_entity_src_gen.pdbx_host_org_strain               ? 
_entity_src_gen.pdbx_host_org_variant              ? 
_entity_src_gen.pdbx_host_org_cell_line            ? 
_entity_src_gen.pdbx_host_org_atcc                 ? 
_entity_src_gen.pdbx_host_org_culture_collection   ? 
_entity_src_gen.pdbx_host_org_cell                 ? 
_entity_src_gen.pdbx_host_org_organelle            ? 
_entity_src_gen.pdbx_host_org_cellular_location    ? 
_entity_src_gen.pdbx_host_org_vector_type          ? 
_entity_src_gen.pdbx_host_org_vector               ? 
_entity_src_gen.host_org_details                   ? 
_entity_src_gen.expression_system_id               ? 
_entity_src_gen.plasmid_name                       ? 
_entity_src_gen.plasmid_details                    ? 
_entity_src_gen.pdbx_description                   ? 
# 
loop_
_chem_comp.id 
_chem_comp.type 
_chem_comp.mon_nstd_flag 
_chem_comp.name 
_chem_comp.pdbx_synonyms 
_chem_comp.formula 
_chem_comp.formula_weight 
ACY non-polymer         . 'ACETIC ACID'   ? 'C2 H4 O2'       60.052  
ALA 'L-peptide linking' y ALANINE         ? 'C3 H7 N O2'     89.093  
ARG 'L-peptide linking' y ARGININE        ? 'C6 H15 N4 O2 1' 175.209 
ASN 'L-peptide linking' y ASPARAGINE      ? 'C4 H8 N2 O3'    132.118 
ASP 'L-peptide linking' y 'ASPARTIC ACID' ? 'C4 H7 N O4'     133.103 
GLN 'L-peptide linking' y GLUTAMINE       ? 'C5 H10 N2 O3'   146.144 
GLU 'L-peptide linking' y 'GLUTAMIC ACID' ? 'C5 H9 N O4'     147.129 
GLY 'peptide linking'   y GLYCINE         ? 'C2 H5 N O2'     75.067  
HIS 'L-peptide linking' y HISTIDINE       ? 'C6 H10 N3 O2 1' 156.162 
HOH non-polymer         . WATER           ? 'H2 O'           18.015  
ILE 'L-peptide linking' y ISOLEUCINE      ? 'C6 H13 N O2'    131.173 
LEU 'L-peptide linking' y LEUCINE         ? 'C6 H13 N O2'    131.173 
LYS 'L-peptide linking' y LYSINE          ? 'C6 H15 N2 O2 1' 147.195 
MET 'L-peptide linking' y METHIONINE      ? 'C5 H11 N O2 S'  149.211 
PHE 'L-peptide linking' y PHENYLALANINE   ? 'C9 H11 N O2'    165.189 
PRO 'L-peptide linking' y PROLINE         ? 'C5 H9 N O2'     115.130 
SER 'L-peptide linking' y SERINE          ? 'C3 H7 N O3'     105.093 
THR 'L-peptide linking' y THREONINE       ? 'C4 H9 N O3'     119.119 
TRP 'L-peptide linking' y TRYPTOPHAN      ? 'C11 H12 N2 O2'  204.225 
TYR 'L-peptide linking' y TYROSINE        ? 'C9 H11 N O3'    181.189 
VAL 'L-peptide linking' y VALINE          ? 'C5 H11 N O2'    117.146 
# 
loop_
_pdbx_poly_seq_scheme.asym_id 
_pdbx_poly_seq_scheme.entity_id 
_pdbx_poly_seq_scheme.seq_id 
_pdbx_poly_seq_scheme.mon_id 
_pdbx_poly_seq_scheme.ndb_seq_num 
_pdbx_poly_seq_scheme.pdb_seq_num 
_pdbx_poly_seq_scheme.auth_seq_num 
_pdbx_poly_seq_scheme.pdb_mon_id 
_pdbx_poly_seq_scheme.auth_mon_id 
_pdbx_poly_seq_scheme.pdb_strand_id 
_pdbx_poly_seq_scheme.pdb_ins_code 
_pdbx_poly_seq_scheme.hetero 
A 1 1  ALA 1  194 194 ALA ALA A . n 
A 1 2  ARG 2  195 195 ARG ARG A . n 
A 1 3  PRO 3  196 196 PRO PRO A . n 
A 1 4  ALA 4  197 197 ALA ALA A . n 
A 1 5  PHE 5  198 198 PHE PHE A . n 
A 1 6  VAL 6  199 199 VAL VAL A . n 
A 1 7  ASN 7  200 200 ASN ASN A . n 
A 1 8  LYS 8  201 201 LYS LYS A . n 
A 1 9  LEU 9  202 202 LEU LEU A . n 
A 1 10 TRP 10 203 203 TRP TRP A . n 
A 1 11 SER 11 204 204 SER SER A . n 
A 1 12 MET 12 205 205 MET MET A . n 
A 1 13 VAL 13 206 206 VAL VAL A . n 
A 1 14 ASN 14 207 207 ASN ASN A . n 
A 1 15 ASP 15 208 208 ASP ASP A . n 
A 1 16 LYS 16 209 209 LYS LYS A . n 
A 1 17 SER 17 210 210 SER SER A . n 
A 1 18 ASN 18 211 211 ASN ASN A . n 
A 1 19 GLU 19 212 212 GLU GLU A . n 
A 1 20 LYS 20 213 213 LYS LYS A . n 
A 1 21 PHE 21 214 214 PHE PHE A . n 
A 1 22 ILE 22 215 215 ILE ILE A . n 
A 1 23 HIS 23 216 216 HIS HIS A . n 
A 1 24 TRP 24 217 217 TRP TRP A . n 
A 1 25 SER 25 218 218 SER SER A . n 
A 1 26 THR 26 219 219 THR THR A . n 
A 1 27 SER 27 220 220 SER SER A . n 
A 1 28 GLY 28 221 221 GLY GLY A . n 
A 1 29 GLU 29 222 222 GLU GLU A . n 
A 1 30 SER 30 223 223 SER SER A . n 
A 1 31 ILE 31 224 224 ILE ILE A . n 
A 1 32 VAL 32 225 225 VAL VAL A . n 
A 1 33 VAL 33 226 226 VAL VAL A . n 
A 1 34 PRO 34 227 227 PRO PRO A . n 
A 1 35 ASN 35 228 228 ASN ASN A . n 
A 1 36 ARG 36 229 229 ARG ARG A . n 
A 1 37 GLU 37 230 230 GLU GLU A . n 
A 1 38 ARG 38 231 231 ARG ARG A . n 
A 1 39 PHE 39 232 232 PHE PHE A . n 
A 1 40 VAL 40 233 233 VAL VAL A . n 
A 1 41 GLN 41 234 234 GLN GLN A . n 
A 1 42 GLU 42 235 235 GLU GLU A . n 
A 1 43 VAL 43 236 236 VAL VAL A . n 
A 1 44 LEU 44 237 237 LEU LEU A . n 
A 1 45 PRO 45 238 238 PRO PRO A . n 
A 1 46 LYS 46 239 239 LYS LYS A . n 
A 1 47 TYR 47 240 240 TYR TYR A . n 
A 1 48 PHE 48 241 241 PHE PHE A . n 
A 1 49 LYS 49 242 242 LYS LYS A . n 
A 1 50 HIS 50 243 243 HIS HIS A . n 
A 1 51 SER 51 244 244 SER SER A . n 
A 1 52 ASN 52 245 245 ASN ASN A . n 
A 1 53 PHE 53 246 246 PHE PHE A . n 
A 1 54 ALA 54 247 247 ALA ALA A . n 
A 1 55 SER 55 248 248 SER SER A . n 
A 1 56 PHE 56 249 249 PHE PHE A . n 
A 1 57 VAL 57 250 250 VAL VAL A . n 
A 1 58 ARG 58 251 251 ARG ARG A . n 
A 1 59 GLN 59 252 252 GLN GLN A . n 
A 1 60 LEU 60 253 253 LEU LEU A . n 
A 1 61 ASN 61 254 254 ASN ASN A . n 
A 1 62 MET 62 255 255 MET MET A . n 
A 1 63 TYR 63 256 256 TYR TYR A . n 
A 1 64 GLY 64 257 257 GLY GLY A . n 
A 1 65 TRP 65 258 258 TRP TRP A . n 
A 1 66 HIS 66 259 259 HIS HIS A . n 
A 1 67 LYS 67 260 260 LYS LYS A . n 
A 1 68 VAL 68 261 261 VAL VAL A . n 
A 1 69 GLN 69 262 262 GLN GLN A . n 
A 1 70 ASP 70 263 263 ASP ASP A . n 
A 1 71 VAL 71 264 264 VAL VAL A . n 
A 1 72 LYS 72 265 265 LYS LYS A . n 
A 1 73 SER 73 266 266 SER SER A . n 
A 1 74 GLY 74 267 267 GLY GLY A . n 
A 1 75 SER 75 268 268 SER SER A . n 
A 1 76 MET 76 269 ?   ?   ?   A . n 
A 1 77 LEU 77 270 ?   ?   ?   A . n 
A 1 78 SER 78 271 ?   ?   ?   A . n 
A 1 79 ASN 79 272 ?   ?   ?   A . n 
A 1 80 ASN 80 273 273 ASN ASN A . n 
A 1 81 ASP 81 274 274 ASP ASP A . n 
A 1 82 SER 82 275 275 SER SER A . n 
A 1 83 ARG 83 276 276 ARG ARG A . n 
A 1 84 TRP 84 277 277 TRP TRP A . n 
A 1 85 GLU 85 278 278 GLU GLU A . n 
A 1 86 PHE 86 279 279 PHE PHE A . n 
A 1 87 GLU 87 280 280 GLU GLU A . n 
A 1 88 ASN 88 281 281 ASN ASN A . n 
A 1 89 GLU 89 282 282 GLU GLU A . n 
A 1 90 ARG 90 283 283 ARG ARG A . n 
A 1 91 HIS 91 284 284 HIS HIS A . n 
A 1 92 ALA 92 285 285 ALA ALA A . n 
# 
loop_
_pdbx_nonpoly_scheme.asym_id 
_pdbx_nonpoly_scheme.entity_id 
_pdbx_nonpoly_scheme.mon_id 
_pdbx_nonpoly_scheme.ndb_seq_num 
_pdbx_nonpoly_scheme.pdb_seq_num 
_pdbx_nonpoly_scheme.auth_seq_num 
_pdbx_nonpoly_scheme.pdb_mon_id 
_pdbx_nonpoly_scheme.auth_mon_id 
_pdbx_nonpoly_scheme.pdb_strand_id 
_pdbx_nonpoly_scheme.pdb_ins_code 
B 2 ACY 1  337 337 ACY ACY A . 
C 2 ACY 1  339 339 ACY ACY A . 
D 3 HOH 1  701 701 HOH HOH A . 
D 3 HOH 2  702 702 HOH HOH A . 
D 3 HOH 3  703 703 HOH HOH A . 
D 3 HOH 4  704 704 HOH HOH A . 
D 3 HOH 5  705 705 HOH HOH A . 
D 3 HOH 6  706 706 HOH HOH A . 
D 3 HOH 7  707 707 HOH HOH A . 
D 3 HOH 8  708 708 HOH HOH A . 
D 3 HOH 9  709 709 HOH HOH A . 
D 3 HOH 10 710 710 HOH HOH A . 
D 3 HOH 11 711 711 HOH HOH A . 
D 3 HOH 12 712 712 HOH HOH A . 
D 3 HOH 13 713 713 HOH HOH A . 
D 3 HOH 14 714 714 HOH HOH A . 
D 3 HOH 15 715 715 HOH HOH A . 
D 3 HOH 16 716 716 HOH HOH A . 
D 3 HOH 17 717 717 HOH HOH A . 
D 3 HOH 18 718 718 HOH HOH A . 
D 3 HOH 19 719 719 HOH HOH A . 
D 3 HOH 20 720 720 HOH HOH A . 
D 3 HOH 21 721 721 HOH HOH A . 
D 3 HOH 22 722 722 HOH HOH A . 
D 3 HOH 23 723 723 HOH HOH A . 
D 3 HOH 24 724 724 HOH HOH A . 
D 3 HOH 25 725 725 HOH HOH A . 
D 3 HOH 26 726 726 HOH HOH A . 
D 3 HOH 27 727 727 HOH HOH A . 
D 3 HOH 28 728 728 HOH HOH A . 
D 3 HOH 29 729 729 HOH HOH A . 
D 3 HOH 30 730 730 HOH HOH A . 
D 3 HOH 31 731 731 HOH HOH A . 
D 3 HOH 32 732 732 HOH HOH A . 
D 3 HOH 33 733 733 HOH HOH A . 
D 3 HOH 34 734 734 HOH HOH A . 
D 3 HOH 35 735 735 HOH HOH A . 
D 3 HOH 36 736 736 HOH HOH A . 
D 3 HOH 37 737 737 HOH HOH A . 
D 3 HOH 38 738 738 HOH HOH A . 
D 3 HOH 39 739 739 HOH HOH A . 
D 3 HOH 40 740 740 HOH HOH A . 
D 3 HOH 41 741 741 HOH HOH A . 
D 3 HOH 42 742 742 HOH HOH A . 
D 3 HOH 43 743 743 HOH HOH A . 
D 3 HOH 44 744 744 HOH HOH A . 
D 3 HOH 45 745 745 HOH HOH A . 
D 3 HOH 46 746 746 HOH HOH A . 
D 3 HOH 47 747 747 HOH HOH A . 
D 3 HOH 48 748 748 HOH HOH A . 
D 3 HOH 49 749 749 HOH HOH A . 
D 3 HOH 50 750 750 HOH HOH A . 
D 3 HOH 51 751 751 HOH HOH A . 
D 3 HOH 52 752 752 HOH HOH A . 
D 3 HOH 53 753 753 HOH HOH A . 
D 3 HOH 54 754 754 HOH HOH A . 
D 3 HOH 55 755 755 HOH HOH A . 
D 3 HOH 56 756 756 HOH HOH A . 
D 3 HOH 57 757 757 HOH HOH A . 
D 3 HOH 58 758 758 HOH HOH A . 
D 3 HOH 59 759 759 HOH HOH A . 
D 3 HOH 60 760 760 HOH HOH A . 
D 3 HOH 61 761 761 HOH HOH A . 
D 3 HOH 62 762 762 HOH HOH A . 
D 3 HOH 63 763 763 HOH HOH A . 
D 3 HOH 64 764 764 HOH HOH A . 
D 3 HOH 65 765 765 HOH HOH A . 
D 3 HOH 66 766 766 HOH HOH A . 
D 3 HOH 67 767 767 HOH HOH A . 
D 3 HOH 68 768 768 HOH HOH A . 
D 3 HOH 69 769 769 HOH HOH A . 
D 3 HOH 70 770 770 HOH HOH A . 
D 3 HOH 71 771 771 HOH HOH A . 
D 3 HOH 72 772 772 HOH HOH A . 
D 3 HOH 73 773 773 HOH HOH A . 
D 3 HOH 74 774 774 HOH HOH A . 
D 3 HOH 75 775 775 HOH HOH A . 
D 3 HOH 76 776 776 HOH HOH A . 
D 3 HOH 77 777 777 HOH HOH A . 
D 3 HOH 78 778 778 HOH HOH A . 
D 3 HOH 79 779 779 HOH HOH A . 
D 3 HOH 80 780 780 HOH HOH A . 
D 3 HOH 81 781 781 HOH HOH A . 
# 
loop_
_software.name 
_software.classification 
_software.version 
_software.citation_id 
_software.pdbx_ordinal 
X-PLOR 'model building' . ? 1 
X-PLOR refinement       . ? 2 
X-PLOR phasing          . ? 3 
# 
_cell.entry_id           2HTS 
_cell.length_a           36.800 
_cell.length_b           34.300 
_cell.length_c           67.000 
_cell.angle_alpha        90.00 
_cell.angle_beta         90.00 
_cell.angle_gamma        90.00 
_cell.Z_PDB              4 
_cell.pdbx_unique_axis   ? 
# 
_symmetry.entry_id                         2HTS 
_symmetry.space_group_name_H-M             'P 21 21 21' 
_symmetry.pdbx_full_space_group_name_H-M   ? 
_symmetry.cell_setting                     ? 
_symmetry.Int_Tables_number                19 
# 
_exptl.entry_id          2HTS 
_exptl.method            'X-RAY DIFFRACTION' 
_exptl.crystals_number   ? 
# 
_exptl_crystal.id                    1 
_exptl_crystal.density_meas          ? 
_exptl_crystal.density_Matthews      1.93 
_exptl_crystal.density_percent_sol   36.28 
_exptl_crystal.description           ? 
# 
_refine.entry_id                                 2HTS 
_refine.ls_number_reflns_obs                     7518 
_refine.ls_number_reflns_all                     ? 
_refine.pdbx_ls_sigma_I                          ? 
_refine.pdbx_ls_sigma_F                          0.0 
_refine.pdbx_data_cutoff_high_absF               ? 
_refine.pdbx_data_cutoff_low_absF                ? 
_refine.pdbx_data_cutoff_high_rms_absF           ? 
_refine.ls_d_res_low                             8.0 
_refine.ls_d_res_high                            1.83 
_refine.ls_percent_reflns_obs                    ? 
_refine.ls_R_factor_obs                          0.1870000 
_refine.ls_R_factor_all                          ? 
_refine.ls_R_factor_R_work                       0.1870000 
_refine.ls_R_factor_R_free                       0.2480000 
_refine.ls_R_factor_R_free_error                 ? 
_refine.ls_R_factor_R_free_error_details         ? 
_refine.ls_percent_reflns_R_free                 ? 
_refine.ls_number_reflns_R_free                  ? 
_refine.ls_number_parameters                     ? 
_refine.ls_number_restraints                     ? 
_refine.occupancy_min                            ? 
_refine.occupancy_max                            ? 
_refine.B_iso_mean                               ? 
_refine.aniso_B[1][1]                            ? 
_refine.aniso_B[2][2]                            ? 
_refine.aniso_B[3][3]                            ? 
_refine.aniso_B[1][2]                            ? 
_refine.aniso_B[1][3]                            ? 
_refine.aniso_B[2][3]                            ? 
_refine.solvent_model_details                    ? 
_refine.solvent_model_param_ksol                 ? 
_refine.solvent_model_param_bsol                 ? 
_refine.pdbx_ls_cross_valid_method               ? 
_refine.details                                  ? 
_refine.pdbx_starting_model                      ? 
_refine.pdbx_method_to_determine_struct          ? 
_refine.pdbx_isotropic_thermal_model             ? 
_refine.pdbx_stereochemistry_target_values       ? 
_refine.pdbx_stereochem_target_val_spec_case     ? 
_refine.pdbx_R_Free_selection_details            ? 
_refine.pdbx_overall_ESU_R                       ? 
_refine.pdbx_overall_ESU_R_Free                  ? 
_refine.overall_SU_ML                            ? 
_refine.overall_SU_B                             ? 
_refine.pdbx_refine_id                           'X-RAY DIFFRACTION' 
_refine.pdbx_diffrn_id                           1 
_refine.pdbx_TLS_residual_ADP_flag               ? 
_refine.correlation_coeff_Fo_to_Fc               ? 
_refine.correlation_coeff_Fo_to_Fc_free          ? 
_refine.pdbx_solvent_vdw_probe_radii             ? 
_refine.pdbx_solvent_ion_probe_radii             ? 
_refine.pdbx_solvent_shrinkage_radii             ? 
_refine.pdbx_overall_phase_error                 ? 
_refine.overall_SU_R_Cruickshank_DPI             ? 
_refine.pdbx_overall_SU_R_free_Cruickshank_DPI   ? 
_refine.pdbx_overall_SU_R_Blow_DPI               ? 
_refine.pdbx_overall_SU_R_free_Blow_DPI          ? 
# 
_refine_hist.pdbx_refine_id                   'X-RAY DIFFRACTION' 
_refine_hist.cycle_id                         LAST 
_refine_hist.pdbx_number_atoms_protein        744 
_refine_hist.pdbx_number_atoms_nucleic_acid   0 
_refine_hist.pdbx_number_atoms_ligand         0 
_refine_hist.number_atoms_solvent             89 
_refine_hist.number_atoms_total               833 
_refine_hist.d_res_high                       1.83 
_refine_hist.d_res_low                        8.0 
# 
loop_
_refine_ls_restr.type 
_refine_ls_restr.dev_ideal 
_refine_ls_restr.dev_ideal_target 
_refine_ls_restr.weight 
_refine_ls_restr.number 
_refine_ls_restr.pdbx_refine_id 
_refine_ls_restr.pdbx_restraint_function 
x_bond_d                0.010 ? ? ? 'X-RAY DIFFRACTION' ? 
x_bond_d_na             ?     ? ? ? 'X-RAY DIFFRACTION' ? 
x_bond_d_prot           ?     ? ? ? 'X-RAY DIFFRACTION' ? 
x_angle_d               ?     ? ? ? 'X-RAY DIFFRACTION' ? 
x_angle_d_na            ?     ? ? ? 'X-RAY DIFFRACTION' ? 
x_angle_d_prot          ?     ? ? ? 'X-RAY DIFFRACTION' ? 
x_angle_deg             1.45  ? ? ? 'X-RAY DIFFRACTION' ? 
x_angle_deg_na          ?     ? ? ? 'X-RAY DIFFRACTION' ? 
x_angle_deg_prot        ?     ? ? ? 'X-RAY DIFFRACTION' ? 
x_dihedral_angle_d      ?     ? ? ? 'X-RAY DIFFRACTION' ? 
x_dihedral_angle_d_na   ?     ? ? ? 'X-RAY DIFFRACTION' ? 
x_dihedral_angle_d_prot ?     ? ? ? 'X-RAY DIFFRACTION' ? 
x_improper_angle_d      ?     ? ? ? 'X-RAY DIFFRACTION' ? 
x_improper_angle_d_na   ?     ? ? ? 'X-RAY DIFFRACTION' ? 
x_improper_angle_d_prot ?     ? ? ? 'X-RAY DIFFRACTION' ? 
x_mcbond_it             ?     ? ? ? 'X-RAY DIFFRACTION' ? 
x_mcangle_it            ?     ? ? ? 'X-RAY DIFFRACTION' ? 
x_scbond_it             ?     ? ? ? 'X-RAY DIFFRACTION' ? 
x_scangle_it            ?     ? ? ? 'X-RAY DIFFRACTION' ? 
# 
_struct.entry_id                  2HTS 
_struct.title                     'CRYSTAL STRUCTURE OF THE DNA BINDING DOMAIN OF THE HEAT SHOCK TRANSCRIPTION FACTOR' 
_struct.pdbx_model_details        ? 
_struct.pdbx_CASP_flag            ? 
_struct.pdbx_model_type_details   ? 
# 
_struct_keywords.entry_id        2HTS 
_struct_keywords.pdbx_keywords   'TRANSCRIPTION FACTOR' 
_struct_keywords.text            'TRANSCRIPTION FACTOR' 
# 
loop_
_struct_asym.id 
_struct_asym.pdbx_blank_PDB_chainid_flag 
_struct_asym.pdbx_modified 
_struct_asym.entity_id 
_struct_asym.details 
A N N 1 ? 
B N N 2 ? 
C N N 2 ? 
D N N 3 ? 
# 
_struct_ref.id                         1 
_struct_ref.db_name                    UNP 
_struct_ref.db_code                    HSF_KLULA 
_struct_ref.pdbx_db_accession          P22121 
_struct_ref.entity_id                  1 
_struct_ref.pdbx_align_begin           193 
_struct_ref.pdbx_db_isoform            ? 
_struct_ref.pdbx_seq_one_letter_code   ? 
# 
_struct_ref_seq.align_id                      1 
_struct_ref_seq.ref_id                        1 
_struct_ref_seq.pdbx_PDB_id_code              2HTS 
_struct_ref_seq.pdbx_strand_id                A 
_struct_ref_seq.seq_align_beg                 1 
_struct_ref_seq.pdbx_seq_align_beg_ins_code   ? 
_struct_ref_seq.seq_align_end                 89 
_struct_ref_seq.pdbx_seq_align_end_ins_code   ? 
_struct_ref_seq.pdbx_db_accession             P22121 
_struct_ref_seq.db_align_beg                  193 
_struct_ref_seq.pdbx_db_align_beg_ins_code    ? 
_struct_ref_seq.db_align_end                  281 
_struct_ref_seq.pdbx_db_align_end_ins_code    ? 
_struct_ref_seq.pdbx_auth_seq_align_beg       194 
_struct_ref_seq.pdbx_auth_seq_align_end       282 
# 
_pdbx_struct_assembly.id                   1 
_pdbx_struct_assembly.details              author_defined_assembly 
_pdbx_struct_assembly.method_details       ? 
_pdbx_struct_assembly.oligomeric_details   monomeric 
_pdbx_struct_assembly.oligomeric_count     1 
# 
_pdbx_struct_assembly_gen.assembly_id       1 
_pdbx_struct_assembly_gen.oper_expression   1 
_pdbx_struct_assembly_gen.asym_id_list      A,B,C,D 
# 
_pdbx_struct_oper_list.id                   1 
_pdbx_struct_oper_list.type                 'identity operation' 
_pdbx_struct_oper_list.name                 1_555 
_pdbx_struct_oper_list.symmetry_operation   x,y,z 
_pdbx_struct_oper_list.matrix[1][1]         1.0000000000 
_pdbx_struct_oper_list.matrix[1][2]         0.0000000000 
_pdbx_struct_oper_list.matrix[1][3]         0.0000000000 
_pdbx_struct_oper_list.vector[1]            0.0000000000 
_pdbx_struct_oper_list.matrix[2][1]         0.0000000000 
_pdbx_struct_oper_list.matrix[2][2]         1.0000000000 
_pdbx_struct_oper_list.matrix[2][3]         0.0000000000 
_pdbx_struct_oper_list.vector[2]            0.0000000000 
_pdbx_struct_oper_list.matrix[3][1]         0.0000000000 
_pdbx_struct_oper_list.matrix[3][2]         0.0000000000 
_pdbx_struct_oper_list.matrix[3][3]         1.0000000000 
_pdbx_struct_oper_list.vector[3]            0.0000000000 
# 
_struct_biol.id   1 
# 
loop_
_struct_conf.conf_type_id 
_struct_conf.id 
_struct_conf.pdbx_PDB_helix_id 
_struct_conf.beg_label_comp_id 
_struct_conf.beg_label_asym_id 
_struct_conf.beg_label_seq_id 
_struct_conf.pdbx_beg_PDB_ins_code 
_struct_conf.end_label_comp_id 
_struct_conf.end_label_asym_id 
_struct_conf.end_label_seq_id 
_struct_conf.pdbx_end_PDB_ins_code 
_struct_conf.beg_auth_comp_id 
_struct_conf.beg_auth_asym_id 
_struct_conf.beg_auth_seq_id 
_struct_conf.end_auth_comp_id 
_struct_conf.end_auth_asym_id 
_struct_conf.end_auth_seq_id 
_struct_conf.pdbx_PDB_helix_class 
_struct_conf.details 
_struct_conf.pdbx_PDB_helix_length 
HELX_P HELX_P1 H1 ALA A 4  ? ASN A 14 ? ALA A 197 ASN A 207 1 ? 11 
HELX_P HELX_P2 H2 ARG A 36 ? TYR A 47 ? ARG A 229 TYR A 240 1 ? 12 
HELX_P HELX_P3 H3 PHE A 53 ? MET A 62 ? PHE A 246 MET A 255 1 ? 10 
# 
_struct_conf_type.id          HELX_P 
_struct_conf_type.criteria    ? 
_struct_conf_type.reference   ? 
# 
_struct_sheet.id               S1 
_struct_sheet.type             ? 
_struct_sheet.number_strands   4 
_struct_sheet.details          ? 
# 
loop_
_struct_sheet_order.sheet_id 
_struct_sheet_order.range_id_1 
_struct_sheet_order.range_id_2 
_struct_sheet_order.offset 
_struct_sheet_order.sense 
S1 1 2 ? anti-parallel 
S1 2 3 ? anti-parallel 
S1 3 4 ? anti-parallel 
# 
loop_
_struct_sheet_range.sheet_id 
_struct_sheet_range.id 
_struct_sheet_range.beg_label_comp_id 
_struct_sheet_range.beg_label_asym_id 
_struct_sheet_range.beg_label_seq_id 
_struct_sheet_range.pdbx_beg_PDB_ins_code 
_struct_sheet_range.end_label_comp_id 
_struct_sheet_range.end_label_asym_id 
_struct_sheet_range.end_label_seq_id 
_struct_sheet_range.pdbx_end_PDB_ins_code 
_struct_sheet_range.beg_auth_comp_id 
_struct_sheet_range.beg_auth_asym_id 
_struct_sheet_range.beg_auth_seq_id 
_struct_sheet_range.end_auth_comp_id 
_struct_sheet_range.end_auth_asym_id 
_struct_sheet_range.end_auth_seq_id 
S1 1 HIS A 23 ? TRP A 24 ? HIS A 216 TRP A 217 
S1 2 ILE A 31 ? VAL A 33 ? ILE A 224 VAL A 226 
S1 3 TRP A 84 ? ASN A 88 ? TRP A 277 ASN A 281 
S1 4 TRP A 65 ? HIS A 66 ? TRP A 258 HIS A 259 
# 
loop_
_struct_site.id 
_struct_site.pdbx_evidence_code 
_struct_site.pdbx_auth_asym_id 
_struct_site.pdbx_auth_comp_id 
_struct_site.pdbx_auth_seq_id 
_struct_site.pdbx_auth_ins_code 
_struct_site.pdbx_num_residues 
_struct_site.details 
AC1 Software A ACY 337 ? 5 'BINDING SITE FOR RESIDUE ACY A 337' 
AC2 Software A ACY 339 ? 4 'BINDING SITE FOR RESIDUE ACY A 339' 
# 
loop_
_struct_site_gen.id 
_struct_site_gen.site_id 
_struct_site_gen.pdbx_num_res 
_struct_site_gen.label_comp_id 
_struct_site_gen.label_asym_id 
_struct_site_gen.label_seq_id 
_struct_site_gen.pdbx_auth_ins_code 
_struct_site_gen.auth_comp_id 
_struct_site_gen.auth_asym_id 
_struct_site_gen.auth_seq_id 
_struct_site_gen.label_atom_id 
_struct_site_gen.label_alt_id 
_struct_site_gen.symmetry 
_struct_site_gen.details 
1 AC1 5 TRP A 24 ? TRP A 217 . ? 1_555 ? 
2 AC1 5 VAL A 68 ? VAL A 261 . ? 3_647 ? 
3 AC1 5 GLN A 69 ? GLN A 262 . ? 3_647 ? 
4 AC1 5 HOH D .  ? HOH A 714 . ? 1_555 ? 
5 AC1 5 HOH D .  ? HOH A 747 . ? 3_647 ? 
6 AC2 4 PHE A 21 ? PHE A 214 . ? 1_555 ? 
7 AC2 4 ARG A 38 ? ARG A 231 . ? 1_555 ? 
8 AC2 4 GLU A 42 ? GLU A 235 . ? 1_555 ? 
9 AC2 4 HOH D .  ? HOH A 749 . ? 1_555 ? 
# 
_pdbx_validate_torsion.id              1 
_pdbx_validate_torsion.PDB_model_num   1 
_pdbx_validate_torsion.auth_comp_id    ASP 
_pdbx_validate_torsion.auth_asym_id    A 
_pdbx_validate_torsion.auth_seq_id     274 
_pdbx_validate_torsion.PDB_ins_code    ? 
_pdbx_validate_torsion.label_alt_id    ? 
_pdbx_validate_torsion.phi             59.89 
_pdbx_validate_torsion.psi             -14.30 
# 
loop_
_pdbx_unobs_or_zero_occ_residues.id 
_pdbx_unobs_or_zero_occ_residues.PDB_model_num 
_pdbx_unobs_or_zero_occ_residues.polymer_flag 
_pdbx_unobs_or_zero_occ_residues.occupancy_flag 
_pdbx_unobs_or_zero_occ_residues.auth_asym_id 
_pdbx_unobs_or_zero_occ_residues.auth_comp_id 
_pdbx_unobs_or_zero_occ_residues.auth_seq_id 
_pdbx_unobs_or_zero_occ_residues.PDB_ins_code 
_pdbx_unobs_or_zero_occ_residues.label_asym_id 
_pdbx_unobs_or_zero_occ_residues.label_comp_id 
_pdbx_unobs_or_zero_occ_residues.label_seq_id 
1 1 Y 1 A MET 269 ? A MET 76 
2 1 Y 1 A LEU 270 ? A LEU 77 
3 1 Y 1 A SER 271 ? A SER 78 
4 1 Y 1 A ASN 272 ? A ASN 79 
# 
loop_
_chem_comp_atom.comp_id 
_chem_comp_atom.atom_id 
_chem_comp_atom.type_symbol 
_chem_comp_atom.pdbx_aromatic_flag 
_chem_comp_atom.pdbx_stereo_config 
_chem_comp_atom.pdbx_ordinal 
ACY C    C N N 1   
ACY O    O N N 2   
ACY OXT  O N N 3   
ACY CH3  C N N 4   
ACY HXT  H N N 5   
ACY H1   H N N 6   
ACY H2   H N N 7   
ACY H3   H N N 8   
ALA N    N N N 9   
ALA CA   C N S 10  
ALA C    C N N 11  
ALA O    O N N 12  
ALA CB   C N N 13  
ALA OXT  O N N 14  
ALA H    H N N 15  
ALA H2   H N N 16  
ALA HA   H N N 17  
ALA HB1  H N N 18  
ALA HB2  H N N 19  
ALA HB3  H N N 20  
ALA HXT  H N N 21  
ARG N    N N N 22  
ARG CA   C N S 23  
ARG C    C N N 24  
ARG O    O N N 25  
ARG CB   C N N 26  
ARG CG   C N N 27  
ARG CD   C N N 28  
ARG NE   N N N 29  
ARG CZ   C N N 30  
ARG NH1  N N N 31  
ARG NH2  N N N 32  
ARG OXT  O N N 33  
ARG H    H N N 34  
ARG H2   H N N 35  
ARG HA   H N N 36  
ARG HB2  H N N 37  
ARG HB3  H N N 38  
ARG HG2  H N N 39  
ARG HG3  H N N 40  
ARG HD2  H N N 41  
ARG HD3  H N N 42  
ARG HE   H N N 43  
ARG HH11 H N N 44  
ARG HH12 H N N 45  
ARG HH21 H N N 46  
ARG HH22 H N N 47  
ARG HXT  H N N 48  
ASN N    N N N 49  
ASN CA   C N S 50  
ASN C    C N N 51  
ASN O    O N N 52  
ASN CB   C N N 53  
ASN CG   C N N 54  
ASN OD1  O N N 55  
ASN ND2  N N N 56  
ASN OXT  O N N 57  
ASN H    H N N 58  
ASN H2   H N N 59  
ASN HA   H N N 60  
ASN HB2  H N N 61  
ASN HB3  H N N 62  
ASN HD21 H N N 63  
ASN HD22 H N N 64  
ASN HXT  H N N 65  
ASP N    N N N 66  
ASP CA   C N S 67  
ASP C    C N N 68  
ASP O    O N N 69  
ASP CB   C N N 70  
ASP CG   C N N 71  
ASP OD1  O N N 72  
ASP OD2  O N N 73  
ASP OXT  O N N 74  
ASP H    H N N 75  
ASP H2   H N N 76  
ASP HA   H N N 77  
ASP HB2  H N N 78  
ASP HB3  H N N 79  
ASP HD2  H N N 80  
ASP HXT  H N N 81  
GLN N    N N N 82  
GLN CA   C N S 83  
GLN C    C N N 84  
GLN O    O N N 85  
GLN CB   C N N 86  
GLN CG   C N N 87  
GLN CD   C N N 88  
GLN OE1  O N N 89  
GLN NE2  N N N 90  
GLN OXT  O N N 91  
GLN H    H N N 92  
GLN H2   H N N 93  
GLN HA   H N N 94  
GLN HB2  H N N 95  
GLN HB3  H N N 96  
GLN HG2  H N N 97  
GLN HG3  H N N 98  
GLN HE21 H N N 99  
GLN HE22 H N N 100 
GLN HXT  H N N 101 
GLU N    N N N 102 
GLU CA   C N S 103 
GLU C    C N N 104 
GLU O    O N N 105 
GLU CB   C N N 106 
GLU CG   C N N 107 
GLU CD   C N N 108 
GLU OE1  O N N 109 
GLU OE2  O N N 110 
GLU OXT  O N N 111 
GLU H    H N N 112 
GLU H2   H N N 113 
GLU HA   H N N 114 
GLU HB2  H N N 115 
GLU HB3  H N N 116 
GLU HG2  H N N 117 
GLU HG3  H N N 118 
GLU HE2  H N N 119 
GLU HXT  H N N 120 
GLY N    N N N 121 
GLY CA   C N N 122 
GLY C    C N N 123 
GLY O    O N N 124 
GLY OXT  O N N 125 
GLY H    H N N 126 
GLY H2   H N N 127 
GLY HA2  H N N 128 
GLY HA3  H N N 129 
GLY HXT  H N N 130 
HIS N    N N N 131 
HIS CA   C N S 132 
HIS C    C N N 133 
HIS O    O N N 134 
HIS CB   C N N 135 
HIS CG   C Y N 136 
HIS ND1  N Y N 137 
HIS CD2  C Y N 138 
HIS CE1  C Y N 139 
HIS NE2  N Y N 140 
HIS OXT  O N N 141 
HIS H    H N N 142 
HIS H2   H N N 143 
HIS HA   H N N 144 
HIS HB2  H N N 145 
HIS HB3  H N N 146 
HIS HD1  H N N 147 
HIS HD2  H N N 148 
HIS HE1  H N N 149 
HIS HE2  H N N 150 
HIS HXT  H N N 151 
HOH O    O N N 152 
HOH H1   H N N 153 
HOH H2   H N N 154 
ILE N    N N N 155 
ILE CA   C N S 156 
ILE C    C N N 157 
ILE O    O N N 158 
ILE CB   C N S 159 
ILE CG1  C N N 160 
ILE CG2  C N N 161 
ILE CD1  C N N 162 
ILE OXT  O N N 163 
ILE H    H N N 164 
ILE H2   H N N 165 
ILE HA   H N N 166 
ILE HB   H N N 167 
ILE HG12 H N N 168 
ILE HG13 H N N 169 
ILE HG21 H N N 170 
ILE HG22 H N N 171 
ILE HG23 H N N 172 
ILE HD11 H N N 173 
ILE HD12 H N N 174 
ILE HD13 H N N 175 
ILE HXT  H N N 176 
LEU N    N N N 177 
LEU CA   C N S 178 
LEU C    C N N 179 
LEU O    O N N 180 
LEU CB   C N N 181 
LEU CG   C N N 182 
LEU CD1  C N N 183 
LEU CD2  C N N 184 
LEU OXT  O N N 185 
LEU H    H N N 186 
LEU H2   H N N 187 
LEU HA   H N N 188 
LEU HB2  H N N 189 
LEU HB3  H N N 190 
LEU HG   H N N 191 
LEU HD11 H N N 192 
LEU HD12 H N N 193 
LEU HD13 H N N 194 
LEU HD21 H N N 195 
LEU HD22 H N N 196 
LEU HD23 H N N 197 
LEU HXT  H N N 198 
LYS N    N N N 199 
LYS CA   C N S 200 
LYS C    C N N 201 
LYS O    O N N 202 
LYS CB   C N N 203 
LYS CG   C N N 204 
LYS CD   C N N 205 
LYS CE   C N N 206 
LYS NZ   N N N 207 
LYS OXT  O N N 208 
LYS H    H N N 209 
LYS H2   H N N 210 
LYS HA   H N N 211 
LYS HB2  H N N 212 
LYS HB3  H N N 213 
LYS HG2  H N N 214 
LYS HG3  H N N 215 
LYS HD2  H N N 216 
LYS HD3  H N N 217 
LYS HE2  H N N 218 
LYS HE3  H N N 219 
LYS HZ1  H N N 220 
LYS HZ2  H N N 221 
LYS HZ3  H N N 222 
LYS HXT  H N N 223 
MET N    N N N 224 
MET CA   C N S 225 
MET C    C N N 226 
MET O    O N N 227 
MET CB   C N N 228 
MET CG   C N N 229 
MET SD   S N N 230 
MET CE   C N N 231 
MET OXT  O N N 232 
MET H    H N N 233 
MET H2   H N N 234 
MET HA   H N N 235 
MET HB2  H N N 236 
MET HB3  H N N 237 
MET HG2  H N N 238 
MET HG3  H N N 239 
MET HE1  H N N 240 
MET HE2  H N N 241 
MET HE3  H N N 242 
MET HXT  H N N 243 
PHE N    N N N 244 
PHE CA   C N S 245 
PHE C    C N N 246 
PHE O    O N N 247 
PHE CB   C N N 248 
PHE CG   C Y N 249 
PHE CD1  C Y N 250 
PHE CD2  C Y N 251 
PHE CE1  C Y N 252 
PHE CE2  C Y N 253 
PHE CZ   C Y N 254 
PHE OXT  O N N 255 
PHE H    H N N 256 
PHE H2   H N N 257 
PHE HA   H N N 258 
PHE HB2  H N N 259 
PHE HB3  H N N 260 
PHE HD1  H N N 261 
PHE HD2  H N N 262 
PHE HE1  H N N 263 
PHE HE2  H N N 264 
PHE HZ   H N N 265 
PHE HXT  H N N 266 
PRO N    N N N 267 
PRO CA   C N S 268 
PRO C    C N N 269 
PRO O    O N N 270 
PRO CB   C N N 271 
PRO CG   C N N 272 
PRO CD   C N N 273 
PRO OXT  O N N 274 
PRO H    H N N 275 
PRO HA   H N N 276 
PRO HB2  H N N 277 
PRO HB3  H N N 278 
PRO HG2  H N N 279 
PRO HG3  H N N 280 
PRO HD2  H N N 281 
PRO HD3  H N N 282 
PRO HXT  H N N 283 
SER N    N N N 284 
SER CA   C N S 285 
SER C    C N N 286 
SER O    O N N 287 
SER CB   C N N 288 
SER OG   O N N 289 
SER OXT  O N N 290 
SER H    H N N 291 
SER H2   H N N 292 
SER HA   H N N 293 
SER HB2  H N N 294 
SER HB3  H N N 295 
SER HG   H N N 296 
SER HXT  H N N 297 
THR N    N N N 298 
THR CA   C N S 299 
THR C    C N N 300 
THR O    O N N 301 
THR CB   C N R 302 
THR OG1  O N N 303 
THR CG2  C N N 304 
THR OXT  O N N 305 
THR H    H N N 306 
THR H2   H N N 307 
THR HA   H N N 308 
THR HB   H N N 309 
THR HG1  H N N 310 
THR HG21 H N N 311 
THR HG22 H N N 312 
THR HG23 H N N 313 
THR HXT  H N N 314 
TRP N    N N N 315 
TRP CA   C N S 316 
TRP C    C N N 317 
TRP O    O N N 318 
TRP CB   C N N 319 
TRP CG   C Y N 320 
TRP CD1  C Y N 321 
TRP CD2  C Y N 322 
TRP NE1  N Y N 323 
TRP CE2  C Y N 324 
TRP CE3  C Y N 325 
TRP CZ2  C Y N 326 
TRP CZ3  C Y N 327 
TRP CH2  C Y N 328 
TRP OXT  O N N 329 
TRP H    H N N 330 
TRP H2   H N N 331 
TRP HA   H N N 332 
TRP HB2  H N N 333 
TRP HB3  H N N 334 
TRP HD1  H N N 335 
TRP HE1  H N N 336 
TRP HE3  H N N 337 
TRP HZ2  H N N 338 
TRP HZ3  H N N 339 
TRP HH2  H N N 340 
TRP HXT  H N N 341 
TYR N    N N N 342 
TYR CA   C N S 343 
TYR C    C N N 344 
TYR O    O N N 345 
TYR CB   C N N 346 
TYR CG   C Y N 347 
TYR CD1  C Y N 348 
TYR CD2  C Y N 349 
TYR CE1  C Y N 350 
TYR CE2  C Y N 351 
TYR CZ   C Y N 352 
TYR OH   O N N 353 
TYR OXT  O N N 354 
TYR H    H N N 355 
TYR H2   H N N 356 
TYR HA   H N N 357 
TYR HB2  H N N 358 
TYR HB3  H N N 359 
TYR HD1  H N N 360 
TYR HD2  H N N 361 
TYR HE1  H N N 362 
TYR HE2  H N N 363 
TYR HH   H N N 364 
TYR HXT  H N N 365 
VAL N    N N N 366 
VAL CA   C N S 367 
VAL C    C N N 368 
VAL O    O N N 369 
VAL CB   C N N 370 
VAL CG1  C N N 371 
VAL CG2  C N N 372 
VAL OXT  O N N 373 
VAL H    H N N 374 
VAL H2   H N N 375 
VAL HA   H N N 376 
VAL HB   H N N 377 
VAL HG11 H N N 378 
VAL HG12 H N N 379 
VAL HG13 H N N 380 
VAL HG21 H N N 381 
VAL HG22 H N N 382 
VAL HG23 H N N 383 
VAL HXT  H N N 384 
# 
loop_
_chem_comp_bond.comp_id 
_chem_comp_bond.atom_id_1 
_chem_comp_bond.atom_id_2 
_chem_comp_bond.value_order 
_chem_comp_bond.pdbx_aromatic_flag 
_chem_comp_bond.pdbx_stereo_config 
_chem_comp_bond.pdbx_ordinal 
ACY C   O    doub N N 1   
ACY C   OXT  sing N N 2   
ACY C   CH3  sing N N 3   
ACY OXT HXT  sing N N 4   
ACY CH3 H1   sing N N 5   
ACY CH3 H2   sing N N 6   
ACY CH3 H3   sing N N 7   
ALA N   CA   sing N N 8   
ALA N   H    sing N N 9   
ALA N   H2   sing N N 10  
ALA CA  C    sing N N 11  
ALA CA  CB   sing N N 12  
ALA CA  HA   sing N N 13  
ALA C   O    doub N N 14  
ALA C   OXT  sing N N 15  
ALA CB  HB1  sing N N 16  
ALA CB  HB2  sing N N 17  
ALA CB  HB3  sing N N 18  
ALA OXT HXT  sing N N 19  
ARG N   CA   sing N N 20  
ARG N   H    sing N N 21  
ARG N   H2   sing N N 22  
ARG CA  C    sing N N 23  
ARG CA  CB   sing N N 24  
ARG CA  HA   sing N N 25  
ARG C   O    doub N N 26  
ARG C   OXT  sing N N 27  
ARG CB  CG   sing N N 28  
ARG CB  HB2  sing N N 29  
ARG CB  HB3  sing N N 30  
ARG CG  CD   sing N N 31  
ARG CG  HG2  sing N N 32  
ARG CG  HG3  sing N N 33  
ARG CD  NE   sing N N 34  
ARG CD  HD2  sing N N 35  
ARG CD  HD3  sing N N 36  
ARG NE  CZ   sing N N 37  
ARG NE  HE   sing N N 38  
ARG CZ  NH1  sing N N 39  
ARG CZ  NH2  doub N N 40  
ARG NH1 HH11 sing N N 41  
ARG NH1 HH12 sing N N 42  
ARG NH2 HH21 sing N N 43  
ARG NH2 HH22 sing N N 44  
ARG OXT HXT  sing N N 45  
ASN N   CA   sing N N 46  
ASN N   H    sing N N 47  
ASN N   H2   sing N N 48  
ASN CA  C    sing N N 49  
ASN CA  CB   sing N N 50  
ASN CA  HA   sing N N 51  
ASN C   O    doub N N 52  
ASN C   OXT  sing N N 53  
ASN CB  CG   sing N N 54  
ASN CB  HB2  sing N N 55  
ASN CB  HB3  sing N N 56  
ASN CG  OD1  doub N N 57  
ASN CG  ND2  sing N N 58  
ASN ND2 HD21 sing N N 59  
ASN ND2 HD22 sing N N 60  
ASN OXT HXT  sing N N 61  
ASP N   CA   sing N N 62  
ASP N   H    sing N N 63  
ASP N   H2   sing N N 64  
ASP CA  C    sing N N 65  
ASP CA  CB   sing N N 66  
ASP CA  HA   sing N N 67  
ASP C   O    doub N N 68  
ASP C   OXT  sing N N 69  
ASP CB  CG   sing N N 70  
ASP CB  HB2  sing N N 71  
ASP CB  HB3  sing N N 72  
ASP CG  OD1  doub N N 73  
ASP CG  OD2  sing N N 74  
ASP OD2 HD2  sing N N 75  
ASP OXT HXT  sing N N 76  
GLN N   CA   sing N N 77  
GLN N   H    sing N N 78  
GLN N   H2   sing N N 79  
GLN CA  C    sing N N 80  
GLN CA  CB   sing N N 81  
GLN CA  HA   sing N N 82  
GLN C   O    doub N N 83  
GLN C   OXT  sing N N 84  
GLN CB  CG   sing N N 85  
GLN CB  HB2  sing N N 86  
GLN CB  HB3  sing N N 87  
GLN CG  CD   sing N N 88  
GLN CG  HG2  sing N N 89  
GLN CG  HG3  sing N N 90  
GLN CD  OE1  doub N N 91  
GLN CD  NE2  sing N N 92  
GLN NE2 HE21 sing N N 93  
GLN NE2 HE22 sing N N 94  
GLN OXT HXT  sing N N 95  
GLU N   CA   sing N N 96  
GLU N   H    sing N N 97  
GLU N   H2   sing N N 98  
GLU CA  C    sing N N 99  
GLU CA  CB   sing N N 100 
GLU CA  HA   sing N N 101 
GLU C   O    doub N N 102 
GLU C   OXT  sing N N 103 
GLU CB  CG   sing N N 104 
GLU CB  HB2  sing N N 105 
GLU CB  HB3  sing N N 106 
GLU CG  CD   sing N N 107 
GLU CG  HG2  sing N N 108 
GLU CG  HG3  sing N N 109 
GLU CD  OE1  doub N N 110 
GLU CD  OE2  sing N N 111 
GLU OE2 HE2  sing N N 112 
GLU OXT HXT  sing N N 113 
GLY N   CA   sing N N 114 
GLY N   H    sing N N 115 
GLY N   H2   sing N N 116 
GLY CA  C    sing N N 117 
GLY CA  HA2  sing N N 118 
GLY CA  HA3  sing N N 119 
GLY C   O    doub N N 120 
GLY C   OXT  sing N N 121 
GLY OXT HXT  sing N N 122 
HIS N   CA   sing N N 123 
HIS N   H    sing N N 124 
HIS N   H2   sing N N 125 
HIS CA  C    sing N N 126 
HIS CA  CB   sing N N 127 
HIS CA  HA   sing N N 128 
HIS C   O    doub N N 129 
HIS C   OXT  sing N N 130 
HIS CB  CG   sing N N 131 
HIS CB  HB2  sing N N 132 
HIS CB  HB3  sing N N 133 
HIS CG  ND1  sing Y N 134 
HIS CG  CD2  doub Y N 135 
HIS ND1 CE1  doub Y N 136 
HIS ND1 HD1  sing N N 137 
HIS CD2 NE2  sing Y N 138 
HIS CD2 HD2  sing N N 139 
HIS CE1 NE2  sing Y N 140 
HIS CE1 HE1  sing N N 141 
HIS NE2 HE2  sing N N 142 
HIS OXT HXT  sing N N 143 
HOH O   H1   sing N N 144 
HOH O   H2   sing N N 145 
ILE N   CA   sing N N 146 
ILE N   H    sing N N 147 
ILE N   H2   sing N N 148 
ILE CA  C    sing N N 149 
ILE CA  CB   sing N N 150 
ILE CA  HA   sing N N 151 
ILE C   O    doub N N 152 
ILE C   OXT  sing N N 153 
ILE CB  CG1  sing N N 154 
ILE CB  CG2  sing N N 155 
ILE CB  HB   sing N N 156 
ILE CG1 CD1  sing N N 157 
ILE CG1 HG12 sing N N 158 
ILE CG1 HG13 sing N N 159 
ILE CG2 HG21 sing N N 160 
ILE CG2 HG22 sing N N 161 
ILE CG2 HG23 sing N N 162 
ILE CD1 HD11 sing N N 163 
ILE CD1 HD12 sing N N 164 
ILE CD1 HD13 sing N N 165 
ILE OXT HXT  sing N N 166 
LEU N   CA   sing N N 167 
LEU N   H    sing N N 168 
LEU N   H2   sing N N 169 
LEU CA  C    sing N N 170 
LEU CA  CB   sing N N 171 
LEU CA  HA   sing N N 172 
LEU C   O    doub N N 173 
LEU C   OXT  sing N N 174 
LEU CB  CG   sing N N 175 
LEU CB  HB2  sing N N 176 
LEU CB  HB3  sing N N 177 
LEU CG  CD1  sing N N 178 
LEU CG  CD2  sing N N 179 
LEU CG  HG   sing N N 180 
LEU CD1 HD11 sing N N 181 
LEU CD1 HD12 sing N N 182 
LEU CD1 HD13 sing N N 183 
LEU CD2 HD21 sing N N 184 
LEU CD2 HD22 sing N N 185 
LEU CD2 HD23 sing N N 186 
LEU OXT HXT  sing N N 187 
LYS N   CA   sing N N 188 
LYS N   H    sing N N 189 
LYS N   H2   sing N N 190 
LYS CA  C    sing N N 191 
LYS CA  CB   sing N N 192 
LYS CA  HA   sing N N 193 
LYS C   O    doub N N 194 
LYS C   OXT  sing N N 195 
LYS CB  CG   sing N N 196 
LYS CB  HB2  sing N N 197 
LYS CB  HB3  sing N N 198 
LYS CG  CD   sing N N 199 
LYS CG  HG2  sing N N 200 
LYS CG  HG3  sing N N 201 
LYS CD  CE   sing N N 202 
LYS CD  HD2  sing N N 203 
LYS CD  HD3  sing N N 204 
LYS CE  NZ   sing N N 205 
LYS CE  HE2  sing N N 206 
LYS CE  HE3  sing N N 207 
LYS NZ  HZ1  sing N N 208 
LYS NZ  HZ2  sing N N 209 
LYS NZ  HZ3  sing N N 210 
LYS OXT HXT  sing N N 211 
MET N   CA   sing N N 212 
MET N   H    sing N N 213 
MET N   H2   sing N N 214 
MET CA  C    sing N N 215 
MET CA  CB   sing N N 216 
MET CA  HA   sing N N 217 
MET C   O    doub N N 218 
MET C   OXT  sing N N 219 
MET CB  CG   sing N N 220 
MET CB  HB2  sing N N 221 
MET CB  HB3  sing N N 222 
MET CG  SD   sing N N 223 
MET CG  HG2  sing N N 224 
MET CG  HG3  sing N N 225 
MET SD  CE   sing N N 226 
MET CE  HE1  sing N N 227 
MET CE  HE2  sing N N 228 
MET CE  HE3  sing N N 229 
MET OXT HXT  sing N N 230 
PHE N   CA   sing N N 231 
PHE N   H    sing N N 232 
PHE N   H2   sing N N 233 
PHE CA  C    sing N N 234 
PHE CA  CB   sing N N 235 
PHE CA  HA   sing N N 236 
PHE C   O    doub N N 237 
PHE C   OXT  sing N N 238 
PHE CB  CG   sing N N 239 
PHE CB  HB2  sing N N 240 
PHE CB  HB3  sing N N 241 
PHE CG  CD1  doub Y N 242 
PHE CG  CD2  sing Y N 243 
PHE CD1 CE1  sing Y N 244 
PHE CD1 HD1  sing N N 245 
PHE CD2 CE2  doub Y N 246 
PHE CD2 HD2  sing N N 247 
PHE CE1 CZ   doub Y N 248 
PHE CE1 HE1  sing N N 249 
PHE CE2 CZ   sing Y N 250 
PHE CE2 HE2  sing N N 251 
PHE CZ  HZ   sing N N 252 
PHE OXT HXT  sing N N 253 
PRO N   CA   sing N N 254 
PRO N   CD   sing N N 255 
PRO N   H    sing N N 256 
PRO CA  C    sing N N 257 
PRO CA  CB   sing N N 258 
PRO CA  HA   sing N N 259 
PRO C   O    doub N N 260 
PRO C   OXT  sing N N 261 
PRO CB  CG   sing N N 262 
PRO CB  HB2  sing N N 263 
PRO CB  HB3  sing N N 264 
PRO CG  CD   sing N N 265 
PRO CG  HG2  sing N N 266 
PRO CG  HG3  sing N N 267 
PRO CD  HD2  sing N N 268 
PRO CD  HD3  sing N N 269 
PRO OXT HXT  sing N N 270 
SER N   CA   sing N N 271 
SER N   H    sing N N 272 
SER N   H2   sing N N 273 
SER CA  C    sing N N 274 
SER CA  CB   sing N N 275 
SER CA  HA   sing N N 276 
SER C   O    doub N N 277 
SER C   OXT  sing N N 278 
SER CB  OG   sing N N 279 
SER CB  HB2  sing N N 280 
SER CB  HB3  sing N N 281 
SER OG  HG   sing N N 282 
SER OXT HXT  sing N N 283 
THR N   CA   sing N N 284 
THR N   H    sing N N 285 
THR N   H2   sing N N 286 
THR CA  C    sing N N 287 
THR CA  CB   sing N N 288 
THR CA  HA   sing N N 289 
THR C   O    doub N N 290 
THR C   OXT  sing N N 291 
THR CB  OG1  sing N N 292 
THR CB  CG2  sing N N 293 
THR CB  HB   sing N N 294 
THR OG1 HG1  sing N N 295 
THR CG2 HG21 sing N N 296 
THR CG2 HG22 sing N N 297 
THR CG2 HG23 sing N N 298 
THR OXT HXT  sing N N 299 
TRP N   CA   sing N N 300 
TRP N   H    sing N N 301 
TRP N   H2   sing N N 302 
TRP CA  C    sing N N 303 
TRP CA  CB   sing N N 304 
TRP CA  HA   sing N N 305 
TRP C   O    doub N N 306 
TRP C   OXT  sing N N 307 
TRP CB  CG   sing N N 308 
TRP CB  HB2  sing N N 309 
TRP CB  HB3  sing N N 310 
TRP CG  CD1  doub Y N 311 
TRP CG  CD2  sing Y N 312 
TRP CD1 NE1  sing Y N 313 
TRP CD1 HD1  sing N N 314 
TRP CD2 CE2  doub Y N 315 
TRP CD2 CE3  sing Y N 316 
TRP NE1 CE2  sing Y N 317 
TRP NE1 HE1  sing N N 318 
TRP CE2 CZ2  sing Y N 319 
TRP CE3 CZ3  doub Y N 320 
TRP CE3 HE3  sing N N 321 
TRP CZ2 CH2  doub Y N 322 
TRP CZ2 HZ2  sing N N 323 
TRP CZ3 CH2  sing Y N 324 
TRP CZ3 HZ3  sing N N 325 
TRP CH2 HH2  sing N N 326 
TRP OXT HXT  sing N N 327 
TYR N   CA   sing N N 328 
TYR N   H    sing N N 329 
TYR N   H2   sing N N 330 
TYR CA  C    sing N N 331 
TYR CA  CB   sing N N 332 
TYR CA  HA   sing N N 333 
TYR C   O    doub N N 334 
TYR C   OXT  sing N N 335 
TYR CB  CG   sing N N 336 
TYR CB  HB2  sing N N 337 
TYR CB  HB3  sing N N 338 
TYR CG  CD1  doub Y N 339 
TYR CG  CD2  sing Y N 340 
TYR CD1 CE1  sing Y N 341 
TYR CD1 HD1  sing N N 342 
TYR CD2 CE2  doub Y N 343 
TYR CD2 HD2  sing N N 344 
TYR CE1 CZ   doub Y N 345 
TYR CE1 HE1  sing N N 346 
TYR CE2 CZ   sing Y N 347 
TYR CE2 HE2  sing N N 348 
TYR CZ  OH   sing N N 349 
TYR OH  HH   sing N N 350 
TYR OXT HXT  sing N N 351 
VAL N   CA   sing N N 352 
VAL N   H    sing N N 353 
VAL N   H2   sing N N 354 
VAL CA  C    sing N N 355 
VAL CA  CB   sing N N 356 
VAL CA  HA   sing N N 357 
VAL C   O    doub N N 358 
VAL C   OXT  sing N N 359 
VAL CB  CG1  sing N N 360 
VAL CB  CG2  sing N N 361 
VAL CB  HB   sing N N 362 
VAL CG1 HG11 sing N N 363 
VAL CG1 HG12 sing N N 364 
VAL CG1 HG13 sing N N 365 
VAL CG2 HG21 sing N N 366 
VAL CG2 HG22 sing N N 367 
VAL CG2 HG23 sing N N 368 
VAL OXT HXT  sing N N 369 
# 
_atom_sites.entry_id                    2HTS 
_atom_sites.fract_transf_matrix[1][1]   -0.00872499 
_atom_sites.fract_transf_matrix[1][2]   0.02056721 
_atom_sites.fract_transf_matrix[1][3]   0.01546902 
_atom_sites.fract_transf_matrix[2][1]   -0.02576894 
_atom_sites.fract_transf_matrix[2][2]   -0.00068784 
_atom_sites.fract_transf_matrix[2][3]   -0.01361993 
_atom_sites.fract_transf_matrix[3][1]   -0.00507669 
_atom_sites.fract_transf_matrix[3][2]   -0.00974809 
_atom_sites.fract_transf_matrix[3][3]   0.01009740 
_atom_sites.fract_transf_vector[1]      0.671489 
_atom_sites.fract_transf_vector[2]      0.820177 
_atom_sites.fract_transf_vector[3]      1.343150 
# 
loop_
_atom_type.symbol 
C 
N 
O 
S 
# 
loop_
_atom_site.group_PDB 
_atom_site.id 
_atom_site.type_symbol 
_atom_site.label_atom_id 
_atom_site.label_alt_id 
_atom_site.label_comp_id 
_atom_site.label_asym_id 
_atom_site.label_entity_id 
_atom_site.label_seq_id 
_atom_site.pdbx_PDB_ins_code 
_atom_site.Cartn_x 
_atom_site.Cartn_y 
_atom_site.Cartn_z 
_atom_site.occupancy 
_atom_site.B_iso_or_equiv 
_atom_site.pdbx_formal_charge 
_atom_site.auth_seq_id 
_atom_site.auth_comp_id 
_atom_site.auth_asym_id 
_atom_site.auth_atom_id 
_atom_site.pdbx_PDB_model_num 
ATOM   1   N N   . ALA A 1 1  ? 12.250  18.175  -4.222  1.00 29.13 ? 194 ALA A N   1 
ATOM   2   C CA  . ALA A 1 1  ? 12.584  17.264  -3.084  1.00 26.86 ? 194 ALA A CA  1 
ATOM   3   C C   . ALA A 1 1  ? 11.636  16.072  -3.139  1.00 24.43 ? 194 ALA A C   1 
ATOM   4   O O   . ALA A 1 1  ? 10.659  16.109  -3.888  1.00 25.08 ? 194 ALA A O   1 
ATOM   5   C CB  . ALA A 1 1  ? 12.410  18.003  -1.764  1.00 25.66 ? 194 ALA A CB  1 
ATOM   6   N N   . ARG A 1 2  ? 11.920  15.027  -2.359  1.00 22.56 ? 195 ARG A N   1 
ATOM   7   C CA  . ARG A 1 2  ? 11.054  13.845  -2.326  1.00 20.94 ? 195 ARG A CA  1 
ATOM   8   C C   . ARG A 1 2  ? 9.667   14.272  -1.808  1.00 17.54 ? 195 ARG A C   1 
ATOM   9   O O   . ARG A 1 2  ? 9.550   14.980  -0.803  1.00 15.66 ? 195 ARG A O   1 
ATOM   10  C CB  . ARG A 1 2  ? 11.657  12.742  -1.449  1.00 19.07 ? 195 ARG A CB  1 
ATOM   11  C CG  . ARG A 1 2  ? 10.773  11.495  -1.310  1.00 17.46 ? 195 ARG A CG  1 
ATOM   12  C CD  . ARG A 1 2  ? 11.537  10.298  -0.714  1.00 17.46 ? 195 ARG A CD  1 
ATOM   13  N NE  . ARG A 1 2  ? 12.656  9.897   -1.564  1.00 18.82 ? 195 ARG A NE  1 
ATOM   14  C CZ  . ARG A 1 2  ? 13.611  9.033   -1.213  1.00 17.45 ? 195 ARG A CZ  1 
ATOM   15  N NH1 . ARG A 1 2  ? 13.601  8.451   -0.017  1.00 16.40 ? 195 ARG A NH1 1 
ATOM   16  N NH2 . ARG A 1 2  ? 14.590  8.758   -2.061  1.00 14.04 ? 195 ARG A NH2 1 
ATOM   17  N N   . PRO A 1 3  ? 8.602   13.887  -2.526  1.00 18.10 ? 196 PRO A N   1 
ATOM   18  C CA  . PRO A 1 3  ? 7.232   14.236  -2.144  1.00 15.80 ? 196 PRO A CA  1 
ATOM   19  C C   . PRO A 1 3  ? 6.940   13.719  -0.761  1.00 13.95 ? 196 PRO A C   1 
ATOM   20  O O   . PRO A 1 3  ? 7.464   12.678  -0.365  1.00 13.35 ? 196 PRO A O   1 
ATOM   21  C CB  . PRO A 1 3  ? 6.398   13.494  -3.183  1.00 15.69 ? 196 PRO A CB  1 
ATOM   22  C CG  . PRO A 1 3  ? 7.309   13.468  -4.389  1.00 17.40 ? 196 PRO A CG  1 
ATOM   23  C CD  . PRO A 1 3  ? 8.607   13.066  -3.753  1.00 17.54 ? 196 PRO A CD  1 
ATOM   24  N N   . ALA A 1 4  ? 6.079   14.427  -0.041  1.00 13.08 ? 197 ALA A N   1 
ATOM   25  C CA  . ALA A 1 4  ? 5.704   14.019  1.311   1.00 14.48 ? 197 ALA A CA  1 
ATOM   26  C C   . ALA A 1 4  ? 5.053   12.627  1.339   1.00 13.60 ? 197 ALA A C   1 
ATOM   27  O O   . ALA A 1 4  ? 5.278   11.854  2.273   1.00 13.79 ? 197 ALA A O   1 
ATOM   28  C CB  . ALA A 1 4  ? 4.767   15.054  1.959   1.00 14.74 ? 197 ALA A CB  1 
ATOM   29  N N   . PHE A 1 5  ? 4.244   12.308  0.331   1.00 13.16 ? 198 PHE A N   1 
ATOM   30  C CA  . PHE A 1 5  ? 3.595   10.994  0.294   1.00 12.74 ? 198 PHE A CA  1 
ATOM   31  C C   . PHE A 1 5  ? 4.623   9.862   0.275   1.00 12.14 ? 198 PHE A C   1 
ATOM   32  O O   . PHE A 1 5  ? 4.507   8.885   1.023   1.00 10.13 ? 198 PHE A O   1 
ATOM   33  C CB  . PHE A 1 5  ? 2.701   10.848  -0.932  1.00 13.79 ? 198 PHE A CB  1 
ATOM   34  C CG  . PHE A 1 5  ? 2.087   9.486   -1.054  1.00 12.44 ? 198 PHE A CG  1 
ATOM   35  C CD1 . PHE A 1 5  ? 1.045   9.112   -0.216  1.00 11.20 ? 198 PHE A CD1 1 
ATOM   36  C CD2 . PHE A 1 5  ? 2.582   8.569   -1.966  1.00 11.23 ? 198 PHE A CD2 1 
ATOM   37  C CE1 . PHE A 1 5  ? 0.499   7.843   -0.279  1.00 11.41 ? 198 PHE A CE1 1 
ATOM   38  C CE2 . PHE A 1 5  ? 2.050   7.292   -2.043  1.00 15.63 ? 198 PHE A CE2 1 
ATOM   39  C CZ  . PHE A 1 5  ? 1.000   6.927   -1.193  1.00 13.88 ? 198 PHE A CZ  1 
ATOM   40  N N   . VAL A 1 6  ? 5.623   9.992   -0.595  1.00 10.65 ? 199 VAL A N   1 
ATOM   41  C CA  . VAL A 1 6  ? 6.662   8.981   -0.720  1.00 12.35 ? 199 VAL A CA  1 
ATOM   42  C C   . VAL A 1 6  ? 7.472   8.857   0.574   1.00 12.54 ? 199 VAL A C   1 
ATOM   43  O O   . VAL A 1 6  ? 7.784   7.748   1.007   1.00 12.72 ? 199 VAL A O   1 
ATOM   44  C CB  . VAL A 1 6  ? 7.567   9.258   -1.945  1.00 12.82 ? 199 VAL A CB  1 
ATOM   45  C CG1 . VAL A 1 6  ? 8.619   8.169   -2.086  1.00 13.79 ? 199 VAL A CG1 1 
ATOM   46  C CG2 . VAL A 1 6  ? 6.706   9.332   -3.209  1.00 13.13 ? 199 VAL A CG2 1 
ATOM   47  N N   . ASN A 1 7  ? 7.775   9.985   1.203   1.00 12.84 ? 200 ASN A N   1 
ATOM   48  C CA  . ASN A 1 7  ? 8.495   9.981   2.473   1.00 15.56 ? 200 ASN A CA  1 
ATOM   49  C C   . ASN A 1 7  ? 7.678   9.163   3.470   1.00 11.62 ? 200 ASN A C   1 
ATOM   50  O O   . ASN A 1 7  ? 8.204   8.314   4.163   1.00 11.68 ? 200 ASN A O   1 
ATOM   51  C CB  . ASN A 1 7  ? 8.646   11.409  3.032   1.00 15.87 ? 200 ASN A CB  1 
ATOM   52  C CG  . ASN A 1 7  ? 9.728   12.211  2.338   1.00 19.91 ? 200 ASN A CG  1 
ATOM   53  O OD1 . ASN A 1 7  ? 10.710  11.652  1.833   1.00 20.32 ? 200 ASN A OD1 1 
ATOM   54  N ND2 . ASN A 1 7  ? 9.570   13.536  2.335   1.00 18.99 ? 200 ASN A ND2 1 
ATOM   55  N N   . LYS A 1 8  ? 6.375   9.411   3.506   1.00 11.91 ? 201 LYS A N   1 
ATOM   56  C CA  . LYS A 1 8  ? 5.500   8.703   4.423   1.00 12.24 ? 201 LYS A CA  1 
ATOM   57  C C   . LYS A 1 8  ? 5.381   7.219   4.099   1.00 11.12 ? 201 LYS A C   1 
ATOM   58  O O   . LYS A 1 8  ? 5.477   6.397   4.998   1.00 12.68 ? 201 LYS A O   1 
ATOM   59  C CB  . LYS A 1 8  ? 4.131   9.374   4.477   1.00 12.10 ? 201 LYS A CB  1 
ATOM   60  C CG  . LYS A 1 8  ? 4.201   10.742  5.128   1.00 14.31 ? 201 LYS A CG  1 
ATOM   61  C CD  . LYS A 1 8  ? 2.865   11.428  5.124   1.00 17.47 ? 201 LYS A CD  1 
ATOM   62  C CE  . LYS A 1 8  ? 2.884   12.694  5.984   1.00 20.60 ? 201 LYS A CE  1 
ATOM   63  N NZ  . LYS A 1 8  ? 1.537   13.336  6.070   1.00 23.63 ? 201 LYS A NZ  1 
ATOM   64  N N   . LEU A 1 9  ? 5.223   6.878   2.821   1.00 10.83 ? 202 LEU A N   1 
ATOM   65  C CA  . LEU A 1 9  ? 5.123   5.485   2.388   1.00 12.68 ? 202 LEU A CA  1 
ATOM   66  C C   . LEU A 1 9  ? 6.387   4.684   2.743   1.00 14.26 ? 202 LEU A C   1 
ATOM   67  O O   . LEU A 1 9  ? 6.296   3.568   3.261   1.00 12.78 ? 202 LEU A O   1 
ATOM   68  C CB  . LEU A 1 9  ? 4.885   5.407   0.872   1.00 14.04 ? 202 LEU A CB  1 
ATOM   69  C CG  . LEU A 1 9  ? 4.747   4.016   0.224   1.00 14.17 ? 202 LEU A CG  1 
ATOM   70  C CD1 . LEU A 1 9  ? 3.486   3.334   0.747   1.00 12.44 ? 202 LEU A CD1 1 
ATOM   71  C CD2 . LEU A 1 9  ? 4.682   4.157   -1.296  1.00 10.73 ? 202 LEU A CD2 1 
ATOM   72  N N   . TRP A 1 10 ? 7.559   5.252   2.446   1.00 13.84 ? 203 TRP A N   1 
ATOM   73  C CA  . TRP A 1 10 ? 8.848   4.601   2.719   1.00 13.97 ? 203 TRP A CA  1 
ATOM   74  C C   . TRP A 1 10 ? 9.004   4.352   4.229   1.00 13.92 ? 203 TRP A C   1 
ATOM   75  O O   . TRP A 1 10 ? 9.443   3.279   4.680   1.00 11.68 ? 203 TRP A O   1 
ATOM   76  C CB  . TRP A 1 10 ? 9.986   5.491   2.175   1.00 12.13 ? 203 TRP A CB  1 
ATOM   77  C CG  . TRP A 1 10 ? 11.385  5.000   2.450   1.00 13.61 ? 203 TRP A CG  1 
ATOM   78  C CD1 . TRP A 1 10 ? 12.302  5.568   3.287   1.00 15.01 ? 203 TRP A CD1 1 
ATOM   79  C CD2 . TRP A 1 10 ? 12.039  3.870   1.846   1.00 14.46 ? 203 TRP A CD2 1 
ATOM   80  N NE1 . TRP A 1 10 ? 13.489  4.869   3.241   1.00 14.91 ? 203 TRP A NE1 1 
ATOM   81  C CE2 . TRP A 1 10 ? 13.360  3.829   2.361   1.00 14.41 ? 203 TRP A CE2 1 
ATOM   82  C CE3 . TRP A 1 10 ? 11.643  2.896   0.920   1.00 12.47 ? 203 TRP A CE3 1 
ATOM   83  C CZ2 . TRP A 1 10 ? 14.280  2.858   1.976   1.00 14.13 ? 203 TRP A CZ2 1 
ATOM   84  C CZ3 . TRP A 1 10 ? 12.561  1.928   0.539   1.00 16.54 ? 203 TRP A CZ3 1 
ATOM   85  C CH2 . TRP A 1 10 ? 13.866  1.918   1.066   1.00 15.71 ? 203 TRP A CH2 1 
ATOM   86  N N   . SER A 1 11 ? 8.569   5.338   4.997   1.00 12.20 ? 204 SER A N   1 
ATOM   87  C CA  . SER A 1 11 ? 8.642   5.284   6.431   1.00 13.74 ? 204 SER A CA  1 
ATOM   88  C C   . SER A 1 11 ? 7.729   4.201   6.985   1.00 14.94 ? 204 SER A C   1 
ATOM   89  O O   . SER A 1 11 ? 8.184   3.348   7.762   1.00 14.38 ? 204 SER A O   1 
ATOM   90  C CB  . SER A 1 11 ? 8.281   6.655   7.002   1.00 16.45 ? 204 SER A CB  1 
ATOM   91  O OG  . SER A 1 11 ? 8.265   6.625   8.409   1.00 26.17 ? 204 SER A OG  1 
ATOM   92  N N   . MET A 1 12 ? 6.474   4.169   6.530   1.00 15.19 ? 205 MET A N   1 
ATOM   93  C CA  . MET A 1 12 ? 5.522   3.165   7.033   1.00 15.96 ? 205 MET A CA  1 
ATOM   94  C C   . MET A 1 12 ? 5.824   1.722   6.647   1.00 14.77 ? 205 MET A C   1 
ATOM   95  O O   . MET A 1 12 ? 5.741   0.830   7.507   1.00 13.71 ? 205 MET A O   1 
ATOM   96  C CB  . MET A 1 12 ? 4.056   3.510   6.707   1.00 16.33 ? 205 MET A CB  1 
ATOM   97  C CG  . MET A 1 12 ? 3.626   3.418   5.258   1.00 21.27 ? 205 MET A CG  1 
ATOM   98  S SD  . MET A 1 12 ? 1.807   3.228   5.061   1.00 21.68 ? 205 MET A SD  1 
ATOM   99  C CE  . MET A 1 12 ? 1.171   4.753   5.703   1.00 24.13 ? 205 MET A CE  1 
ATOM   100 N N   . VAL A 1 13 ? 6.230   1.498   5.392   1.00 14.59 ? 206 VAL A N   1 
ATOM   101 C CA  . VAL A 1 13 ? 6.517   0.142   4.916   1.00 13.91 ? 206 VAL A CA  1 
ATOM   102 C C   . VAL A 1 13 ? 7.767   -0.453  5.607   1.00 15.70 ? 206 VAL A C   1 
ATOM   103 O O   . VAL A 1 13 ? 7.831   -1.671  5.863   1.00 14.77 ? 206 VAL A O   1 
ATOM   104 C CB  . VAL A 1 13 ? 6.623   0.081   3.333   1.00 12.11 ? 206 VAL A CB  1 
ATOM   105 C CG1 . VAL A 1 13 ? 7.897   0.738   2.832   1.00 12.69 ? 206 VAL A CG1 1 
ATOM   106 C CG2 . VAL A 1 13 ? 6.539   -1.348  2.831   1.00 13.82 ? 206 VAL A CG2 1 
ATOM   107 N N   . ASN A 1 14 ? 8.701   0.420   6.004   1.00 15.25 ? 207 ASN A N   1 
ATOM   108 C CA  . ASN A 1 14 ? 9.938   -0.014  6.657   1.00 15.37 ? 207 ASN A CA  1 
ATOM   109 C C   . ASN A 1 14 ? 9.870   -0.060  8.186   1.00 16.23 ? 207 ASN A C   1 
ATOM   110 O O   . ASN A 1 14 ? 10.791  -0.554  8.830   1.00 20.03 ? 207 ASN A O   1 
ATOM   111 C CB  . ASN A 1 14 ? 11.125  0.838   6.203   1.00 11.31 ? 207 ASN A CB  1 
ATOM   112 C CG  . ASN A 1 14 ? 11.480  0.605   4.741   1.00 16.66 ? 207 ASN A CG  1 
ATOM   113 O OD1 . ASN A 1 14 ? 11.282  -0.489  4.201   1.00 17.02 ? 207 ASN A OD1 1 
ATOM   114 N ND2 . ASN A 1 14 ? 12.004  1.628   4.095   1.00 12.16 ? 207 ASN A ND2 1 
ATOM   115 N N   . ASP A 1 15 ? 8.799   0.454   8.772   1.00 15.65 ? 208 ASP A N   1 
ATOM   116 C CA  . ASP A 1 15 ? 8.670   0.431   10.226  1.00 17.42 ? 208 ASP A CA  1 
ATOM   117 C C   . ASP A 1 15 ? 8.065   -0.908  10.656  1.00 18.36 ? 208 ASP A C   1 
ATOM   118 O O   . ASP A 1 15 ? 6.883   -1.167  10.405  1.00 16.62 ? 208 ASP A O   1 
ATOM   119 C CB  . ASP A 1 15 ? 7.799   1.597   10.684  1.00 19.20 ? 208 ASP A CB  1 
ATOM   120 C CG  . ASP A 1 15 ? 7.854   1.826   12.182  1.00 20.21 ? 208 ASP A CG  1 
ATOM   121 O OD1 . ASP A 1 15 ? 8.042   0.868   12.946  1.00 21.94 ? 208 ASP A OD1 1 
ATOM   122 O OD2 . ASP A 1 15 ? 7.693   2.984   12.588  1.00 25.37 ? 208 ASP A OD2 1 
ATOM   123 N N   . LYS A 1 16 ? 8.876   -1.738  11.316  1.00 19.90 ? 209 LYS A N   1 
ATOM   124 C CA  . LYS A 1 16 ? 8.461   -3.082  11.778  1.00 23.63 ? 209 LYS A CA  1 
ATOM   125 C C   . LYS A 1 16 ? 7.200   -3.092  12.635  1.00 21.05 ? 209 LYS A C   1 
ATOM   126 O O   . LYS A 1 16 ? 6.495   -4.103  12.709  1.00 22.12 ? 209 LYS A O   1 
ATOM   127 C CB  . LYS A 1 16 ? 9.596   -3.793  12.525  1.00 29.70 ? 209 LYS A CB  1 
ATOM   128 C CG  . LYS A 1 16 ? 10.854  -4.038  11.674  1.00 38.13 ? 209 LYS A CG  1 
ATOM   129 C CD  . LYS A 1 16 ? 12.020  -4.529  12.546  1.00 44.59 ? 209 LYS A CD  1 
ATOM   130 C CE  . LYS A 1 16 ? 13.335  -4.642  11.761  1.00 48.82 ? 209 LYS A CE  1 
ATOM   131 N NZ  . LYS A 1 16 ? 13.872  -3.322  11.302  1.00 51.13 ? 209 LYS A NZ  1 
ATOM   132 N N   . SER A 1 17 ? 6.895   -1.967  13.265  1.00 18.98 ? 210 SER A N   1 
ATOM   133 C CA  . SER A 1 17 ? 5.687   -1.888  14.076  1.00 22.25 ? 210 SER A CA  1 
ATOM   134 C C   . SER A 1 17 ? 4.420   -1.953  13.185  1.00 23.29 ? 210 SER A C   1 
ATOM   135 O O   . SER A 1 17 ? 3.308   -2.163  13.687  1.00 24.25 ? 210 SER A O   1 
ATOM   136 C CB  . SER A 1 17 ? 5.694   -0.609  14.927  1.00 21.43 ? 210 SER A CB  1 
ATOM   137 O OG  . SER A 1 17 ? 5.749   0.571   14.137  1.00 26.11 ? 210 SER A OG  1 
ATOM   138 N N   . ASN A 1 18 ? 4.596   -1.793  11.869  1.00 21.07 ? 211 ASN A N   1 
ATOM   139 C CA  . ASN A 1 18 ? 3.468   -1.821  10.930  1.00 19.31 ? 211 ASN A CA  1 
ATOM   140 C C   . ASN A 1 18 ? 3.383   -3.159  10.219  1.00 18.22 ? 211 ASN A C   1 
ATOM   141 O O   . ASN A 1 18 ? 2.425   -3.410  9.514   1.00 16.60 ? 211 ASN A O   1 
ATOM   142 C CB  . ASN A 1 18 ? 3.587   -0.716  9.860   1.00 17.44 ? 211 ASN A CB  1 
ATOM   143 C CG  . ASN A 1 18 ? 3.643   0.677   10.448  1.00 18.64 ? 211 ASN A CG  1 
ATOM   144 O OD1 . ASN A 1 18 ? 2.935   0.992   11.405  1.00 19.00 ? 211 ASN A OD1 1 
ATOM   145 N ND2 . ASN A 1 18 ? 4.492   1.514   9.893   1.00 13.87 ? 211 ASN A ND2 1 
ATOM   146 N N   . GLU A 1 19 ? 4.345   -4.037  10.482  1.00 18.58 ? 212 GLU A N   1 
ATOM   147 C CA  . GLU A 1 19 ? 4.458   -5.346  9.835   1.00 19.67 ? 212 GLU A CA  1 
ATOM   148 C C   . GLU A 1 19 ? 3.190   -6.172  9.622   1.00 18.88 ? 212 GLU A C   1 
ATOM   149 O O   . GLU A 1 19 ? 3.003   -6.794  8.571   1.00 17.28 ? 212 GLU A O   1 
ATOM   150 C CB  . GLU A 1 19 ? 5.492   -6.163  10.594  1.00 27.57 ? 212 GLU A CB  1 
ATOM   151 C CG  . GLU A 1 19 ? 5.689   -7.576  10.092  1.00 40.85 ? 212 GLU A CG  1 
ATOM   152 C CD  . GLU A 1 19 ? 6.101   -8.509  11.226  1.00 48.41 ? 212 GLU A CD  1 
ATOM   153 O OE1 . GLU A 1 19 ? 7.233   -8.360  11.747  1.00 52.62 ? 212 GLU A OE1 1 
ATOM   154 O OE2 . GLU A 1 19 ? 5.271   -9.362  11.618  1.00 52.35 ? 212 GLU A OE2 1 
ATOM   155 N N   . LYS A 1 20 ? 2.319   -6.182  10.621  1.00 18.70 ? 213 LYS A N   1 
ATOM   156 C CA  . LYS A 1 20 ? 1.072   -6.932  10.550  1.00 18.31 ? 213 LYS A CA  1 
ATOM   157 C C   . LYS A 1 20 ? 0.162   -6.374  9.487   1.00 16.11 ? 213 LYS A C   1 
ATOM   158 O O   . LYS A 1 20 ? -0.598  -7.109  8.848   1.00 15.02 ? 213 LYS A O   1 
ATOM   159 C CB  . LYS A 1 20 ? 0.289   -6.794  11.856  1.00 21.78 ? 213 LYS A CB  1 
ATOM   160 C CG  . LYS A 1 20 ? 0.774   -7.606  13.024  1.00 30.35 ? 213 LYS A CG  1 
ATOM   161 C CD  . LYS A 1 20 ? -0.009  -7.244  14.295  1.00 32.88 ? 213 LYS A CD  1 
ATOM   162 C CE  . LYS A 1 20 ? 0.290   -5.813  14.738  1.00 38.78 ? 213 LYS A CE  1 
ATOM   163 N NZ  . LYS A 1 20 ? -0.419  -5.444  15.997  1.00 43.44 ? 213 LYS A NZ  1 
ATOM   164 N N   . PHE A 1 21 ? 0.242   -5.057  9.309   1.00 13.02 ? 214 PHE A N   1 
ATOM   165 C CA  . PHE A 1 21 ? -0.651  -4.357  8.407   1.00 12.13 ? 214 PHE A CA  1 
ATOM   166 C C   . PHE A 1 21 ? -0.174  -4.005  7.007   1.00 12.28 ? 214 PHE A C   1 
ATOM   167 O O   . PHE A 1 21 ? -1.007  -3.867  6.111   1.00 12.55 ? 214 PHE A O   1 
ATOM   168 C CB  . PHE A 1 21 ? -1.169  -3.114  9.108   1.00 12.96 ? 214 PHE A CB  1 
ATOM   169 C CG  . PHE A 1 21 ? -1.542  -3.344  10.551  1.00 14.52 ? 214 PHE A CG  1 
ATOM   170 C CD1 . PHE A 1 21 ? -2.746  -3.958  10.889  1.00 17.87 ? 214 PHE A CD1 1 
ATOM   171 C CD2 . PHE A 1 21 ? -0.685  -2.945  11.568  1.00 17.40 ? 214 PHE A CD2 1 
ATOM   172 C CE1 . PHE A 1 21 ? -3.090  -4.168  12.228  1.00 14.83 ? 214 PHE A CE1 1 
ATOM   173 C CE2 . PHE A 1 21 ? -1.020  -3.151  12.911  1.00 18.48 ? 214 PHE A CE2 1 
ATOM   174 C CZ  . PHE A 1 21 ? -2.224  -3.762  13.235  1.00 16.76 ? 214 PHE A CZ  1 
ATOM   175 N N   . ILE A 1 22 ? 1.135   -3.805  6.833   1.00 11.81 ? 215 ILE A N   1 
ATOM   176 C CA  . ILE A 1 22 ? 1.720   -3.483  5.526   1.00 12.08 ? 215 ILE A CA  1 
ATOM   177 C C   . ILE A 1 22 ? 3.199   -3.838  5.571   1.00 12.31 ? 215 ILE A C   1 
ATOM   178 O O   . ILE A 1 22 ? 3.880   -3.525  6.529   1.00 13.29 ? 215 ILE A O   1 
ATOM   179 C CB  . ILE A 1 22 ? 1.535   -1.971  5.155   1.00 12.49 ? 215 ILE A CB  1 
ATOM   180 C CG1 . ILE A 1 22 ? 2.135   -1.681  3.779   1.00 12.88 ? 215 ILE A CG1 1 
ATOM   181 C CG2 . ILE A 1 22 ? 2.174   -1.058  6.206   1.00 13.37 ? 215 ILE A CG2 1 
ATOM   182 C CD1 . ILE A 1 22 ? 1.714   -0.341  3.216   1.00 12.59 ? 215 ILE A CD1 1 
ATOM   183 N N   . HIS A 1 23 ? 3.682   -4.535  4.547   1.00 11.45 ? 216 HIS A N   1 
ATOM   184 C CA  . HIS A 1 23 ? 5.078   -4.945  4.515   1.00 11.72 ? 216 HIS A CA  1 
ATOM   185 C C   . HIS A 1 23 ? 5.530   -5.259  3.097   1.00 10.14 ? 216 HIS A C   1 
ATOM   186 O O   . HIS A 1 23 ? 4.699   -5.499  2.218   1.00 9.77  ? 216 HIS A O   1 
ATOM   187 C CB  . HIS A 1 23 ? 5.277   -6.208  5.378   1.00 11.83 ? 216 HIS A CB  1 
ATOM   188 C CG  . HIS A 1 23 ? 4.339   -7.336  5.042   1.00 12.18 ? 216 HIS A CG  1 
ATOM   189 N ND1 . HIS A 1 23 ? 3.232   -7.641  5.808   1.00 15.67 ? 216 HIS A ND1 1 
ATOM   190 C CD2 . HIS A 1 23 ? 4.338   -8.226  4.017   1.00 13.11 ? 216 HIS A CD2 1 
ATOM   191 C CE1 . HIS A 1 23 ? 2.589   -8.661  5.273   1.00 11.13 ? 216 HIS A CE1 1 
ATOM   192 N NE2 . HIS A 1 23 ? 3.239   -9.034  4.187   1.00 13.82 ? 216 HIS A NE2 1 
ATOM   193 N N   . TRP A 1 24 ? 6.839   -5.206  2.869   1.00 9.56  ? 217 TRP A N   1 
ATOM   194 C CA  . TRP A 1 24 ? 7.410   -5.574  1.572   1.00 10.08 ? 217 TRP A CA  1 
ATOM   195 C C   . TRP A 1 24 ? 7.256   -7.087  1.437   1.00 10.71 ? 217 TRP A C   1 
ATOM   196 O O   . TRP A 1 24 ? 7.265   -7.809  2.431   1.00 12.40 ? 217 TRP A O   1 
ATOM   197 C CB  . TRP A 1 24 ? 8.922   -5.292  1.532   1.00 10.20 ? 217 TRP A CB  1 
ATOM   198 C CG  . TRP A 1 24 ? 9.303   -3.845  1.334   1.00 13.31 ? 217 TRP A CG  1 
ATOM   199 C CD1 . TRP A 1 24 ? 9.848   -3.001  2.266   1.00 10.23 ? 217 TRP A CD1 1 
ATOM   200 C CD2 . TRP A 1 24 ? 9.221   -3.093  0.108   1.00 12.50 ? 217 TRP A CD2 1 
ATOM   201 N NE1 . TRP A 1 24 ? 10.116  -1.777  1.701   1.00 14.18 ? 217 TRP A NE1 1 
ATOM   202 C CE2 . TRP A 1 24 ? 9.749   -1.801  0.376   1.00 14.15 ? 217 TRP A CE2 1 
ATOM   203 C CE3 . TRP A 1 24 ? 8.771   -3.388  -1.188  1.00 11.04 ? 217 TRP A CE3 1 
ATOM   204 C CZ2 . TRP A 1 24 ? 9.829   -0.804  -0.607  1.00 14.04 ? 217 TRP A CZ2 1 
ATOM   205 C CZ3 . TRP A 1 24 ? 8.853   -2.387  -2.174  1.00 13.24 ? 217 TRP A CZ3 1 
ATOM   206 C CH2 . TRP A 1 24 ? 9.381   -1.114  -1.874  1.00 14.89 ? 217 TRP A CH2 1 
ATOM   207 N N   . SER A 1 25 ? 7.077   -7.575  0.223   1.00 10.33 ? 218 SER A N   1 
ATOM   208 C CA  . SER A 1 25 ? 7.020   -9.011  0.030   1.00 11.49 ? 218 SER A CA  1 
ATOM   209 C C   . SER A 1 25 ? 8.421   -9.486  0.441   1.00 14.76 ? 218 SER A C   1 
ATOM   210 O O   . SER A 1 25 ? 9.363   -8.678  0.515   1.00 13.75 ? 218 SER A O   1 
ATOM   211 C CB  . SER A 1 25 ? 6.752   -9.331  -1.443  1.00 9.67  ? 218 SER A CB  1 
ATOM   212 O OG  . SER A 1 25 ? 7.721   -8.723  -2.296  1.00 13.34 ? 218 SER A OG  1 
ATOM   213 N N   . THR A 1 26 ? 8.581   -10.776 0.718   1.00 14.17 ? 219 THR A N   1 
ATOM   214 C CA  . THR A 1 26 ? 9.897   -11.269 1.104   1.00 17.11 ? 219 THR A CA  1 
ATOM   215 C C   . THR A 1 26 ? 10.924  -11.032 -0.024  1.00 15.84 ? 219 THR A C   1 
ATOM   216 O O   . THR A 1 26 ? 12.108  -10.910 0.246   1.00 16.10 ? 219 THR A O   1 
ATOM   217 C CB  . THR A 1 26 ? 9.872   -12.775 1.509   1.00 18.42 ? 219 THR A CB  1 
ATOM   218 O OG1 . THR A 1 26 ? 9.406   -13.562 0.406   1.00 25.98 ? 219 THR A OG1 1 
ATOM   219 C CG2 . THR A 1 26 ? 8.956   -12.996 2.715   1.00 19.46 ? 219 THR A CG2 1 
ATOM   220 N N   . SER A 1 27 ? 10.466  -10.954 -1.276  1.00 15.15 ? 220 SER A N   1 
ATOM   221 C CA  . SER A 1 27 ? 11.364  -10.709 -2.414  1.00 15.22 ? 220 SER A CA  1 
ATOM   222 C C   . SER A 1 27 ? 11.831  -9.238  -2.477  1.00 15.34 ? 220 SER A C   1 
ATOM   223 O O   . SER A 1 27 ? 12.835  -8.916  -3.131  1.00 14.19 ? 220 SER A O   1 
ATOM   224 C CB  . SER A 1 27 ? 10.689  -11.093 -3.740  1.00 13.62 ? 220 SER A CB  1 
ATOM   225 O OG  . SER A 1 27 ? 9.700   -10.139 -4.130  1.00 15.06 ? 220 SER A OG  1 
ATOM   226 N N   . GLY A 1 28 ? 11.067  -8.368  -1.817  1.00 12.19 ? 221 GLY A N   1 
ATOM   227 C CA  . GLY A 1 28 ? 11.351  -6.945  -1.782  1.00 12.12 ? 221 GLY A CA  1 
ATOM   228 C C   . GLY A 1 28 ? 10.860  -6.208  -3.014  1.00 12.59 ? 221 GLY A C   1 
ATOM   229 O O   . GLY A 1 28 ? 11.167  -5.027  -3.192  1.00 14.00 ? 221 GLY A O   1 
ATOM   230 N N   . GLU A 1 29 ? 10.002  -6.858  -3.795  1.00 12.93 ? 222 GLU A N   1 
ATOM   231 C CA  . GLU A 1 29 ? 9.492   -6.282  -5.039  1.00 15.15 ? 222 GLU A CA  1 
ATOM   232 C C   . GLU A 1 29 ? 8.101   -5.651  -4.962  1.00 15.53 ? 222 GLU A C   1 
ATOM   233 O O   . GLU A 1 29 ? 7.810   -4.689  -5.676  1.00 15.39 ? 222 GLU A O   1 
ATOM   234 C CB  . GLU A 1 29 ? 9.529   -7.336  -6.144  1.00 17.00 ? 222 GLU A CB  1 
ATOM   235 C CG  . GLU A 1 29 ? 10.941  -7.796  -6.500  1.00 22.39 ? 222 GLU A CG  1 
ATOM   236 C CD  . GLU A 1 29 ? 10.959  -9.062  -7.354  1.00 25.97 ? 222 GLU A CD  1 
ATOM   237 O OE1 . GLU A 1 29 ? 10.329  -10.056 -6.944  1.00 29.06 ? 222 GLU A OE1 1 
ATOM   238 O OE2 . GLU A 1 29 ? 11.616  -9.064  -8.414  1.00 24.58 ? 222 GLU A OE2 1 
ATOM   239 N N   . SER A 1 30 ? 7.227   -6.187  -4.117  1.00 14.56 ? 223 SER A N   1 
ATOM   240 C CA  . SER A 1 30 ? 5.891   -5.604  -3.999  1.00 13.87 ? 223 SER A CA  1 
ATOM   241 C C   . SER A 1 30 ? 5.568   -5.180  -2.578  1.00 10.80 ? 223 SER A C   1 
ATOM   242 O O   . SER A 1 30 ? 6.256   -5.564  -1.637  1.00 10.62 ? 223 SER A O   1 
ATOM   243 C CB  . SER A 1 30 ? 4.807   -6.554  -4.535  1.00 14.03 ? 223 SER A CB  1 
ATOM   244 O OG  . SER A 1 30 ? 4.878   -7.809  -3.897  1.00 17.86 ? 223 SER A OG  1 
ATOM   245 N N   . ILE A 1 31 ? 4.557   -4.333  -2.453  1.00 10.57 ? 224 ILE A N   1 
ATOM   246 C CA  . ILE A 1 31 ? 4.103   -3.841  -1.162  1.00 11.62 ? 224 ILE A CA  1 
ATOM   247 C C   . ILE A 1 31 ? 2.790   -4.568  -0.919  1.00 13.71 ? 224 ILE A C   1 
ATOM   248 O O   . ILE A 1 31 ? 1.882   -4.502  -1.755  1.00 12.60 ? 224 ILE A O   1 
ATOM   249 C CB  . ILE A 1 31 ? 3.867   -2.297  -1.204  1.00 13.25 ? 224 ILE A CB  1 
ATOM   250 C CG1 . ILE A 1 31 ? 5.201   -1.573  -1.452  1.00 15.61 ? 224 ILE A CG1 1 
ATOM   251 C CG2 . ILE A 1 31 ? 3.198   -1.808  0.082   1.00 8.04  ? 224 ILE A CG2 1 
ATOM   252 C CD1 . ILE A 1 31 ? 5.077   -0.054  -1.588  1.00 15.03 ? 224 ILE A CD1 1 
ATOM   253 N N   . VAL A 1 32 ? 2.709   -5.270  0.210   1.00 12.16 ? 225 VAL A N   1 
ATOM   254 C CA  . VAL A 1 32 ? 1.536   -6.057  0.564   1.00 12.79 ? 225 VAL A CA  1 
ATOM   255 C C   . VAL A 1 32 ? 0.727   -5.504  1.742   1.00 11.01 ? 225 VAL A C   1 
ATOM   256 O O   . VAL A 1 32 ? 1.283   -5.203  2.805   1.00 11.71 ? 225 VAL A O   1 
ATOM   257 C CB  . VAL A 1 32 ? 1.953   -7.535  0.921   1.00 13.10 ? 225 VAL A CB  1 
ATOM   258 C CG1 . VAL A 1 32 ? 0.720   -8.386  1.220   1.00 12.68 ? 225 VAL A CG1 1 
ATOM   259 C CG2 . VAL A 1 32 ? 2.770   -8.160  -0.214  1.00 13.47 ? 225 VAL A CG2 1 
ATOM   260 N N   . VAL A 1 33 ? -0.580  -5.327  1.526   1.00 12.15 ? 226 VAL A N   1 
ATOM   261 C CA  . VAL A 1 33 ? -1.520  -4.885  2.573   1.00 12.43 ? 226 VAL A CA  1 
ATOM   262 C C   . VAL A 1 33 ? -2.449  -6.117  2.677   1.00 12.81 ? 226 VAL A C   1 
ATOM   263 O O   . VAL A 1 33 ? -3.389  -6.263  1.904   1.00 14.15 ? 226 VAL A O   1 
ATOM   264 C CB  . VAL A 1 33 ? -2.316  -3.596  2.166   1.00 12.54 ? 226 VAL A CB  1 
ATOM   265 C CG1 . VAL A 1 33 ? -3.370  -3.261  3.203   1.00 11.09 ? 226 VAL A CG1 1 
ATOM   266 C CG2 . VAL A 1 33 ? -1.363  -2.410  2.026   1.00 11.85 ? 226 VAL A CG2 1 
ATOM   267 N N   . PRO A 1 34 ? -2.182  -7.029  3.638   1.00 13.77 ? 227 PRO A N   1 
ATOM   268 C CA  . PRO A 1 34 ? -2.981  -8.247  3.817   1.00 13.52 ? 227 PRO A CA  1 
ATOM   269 C C   . PRO A 1 34 ? -4.482  -8.025  4.020   1.00 14.45 ? 227 PRO A C   1 
ATOM   270 O O   . PRO A 1 34 ? -5.302  -8.857  3.599   1.00 12.55 ? 227 PRO A O   1 
ATOM   271 C CB  . PRO A 1 34 ? -2.362  -8.886  5.064   1.00 13.26 ? 227 PRO A CB  1 
ATOM   272 C CG  . PRO A 1 34 ? -1.031  -8.280  5.177   1.00 14.50 ? 227 PRO A CG  1 
ATOM   273 C CD  . PRO A 1 34 ? -1.276  -6.855  4.782   1.00 13.74 ? 227 PRO A CD  1 
ATOM   274 N N   . ASN A 1 35 ? -4.838  -6.930  4.692   1.00 14.94 ? 228 ASN A N   1 
ATOM   275 C CA  . ASN A 1 35 ? -6.243  -6.610  4.965   1.00 15.11 ? 228 ASN A CA  1 
ATOM   276 C C   . ASN A 1 35 ? -6.480  -5.110  4.951   1.00 14.56 ? 228 ASN A C   1 
ATOM   277 O O   . ASN A 1 35 ? -6.019  -4.382  5.833   1.00 14.94 ? 228 ASN A O   1 
ATOM   278 C CB  . ASN A 1 35 ? -6.678  -7.173  6.320   1.00 16.79 ? 228 ASN A CB  1 
ATOM   279 C CG  . ASN A 1 35 ? -8.109  -6.809  6.663   1.00 18.33 ? 228 ASN A CG  1 
ATOM   280 O OD1 . ASN A 1 35 ? -8.387  -5.737  7.185   1.00 20.03 ? 228 ASN A OD1 1 
ATOM   281 N ND2 . ASN A 1 35 ? -9.033  -7.682  6.312   1.00 26.18 ? 228 ASN A ND2 1 
ATOM   282 N N   . ARG A 1 36 ? -7.246  -4.663  3.969   1.00 13.92 ? 229 ARG A N   1 
ATOM   283 C CA  . ARG A 1 36 ? -7.546  -3.247  3.800   1.00 15.83 ? 229 ARG A CA  1 
ATOM   284 C C   . ARG A 1 36 ? -8.087  -2.572  5.056   1.00 14.81 ? 229 ARG A C   1 
ATOM   285 O O   . ARG A 1 36 ? -7.608  -1.512  5.454   1.00 12.74 ? 229 ARG A O   1 
ATOM   286 C CB  . ARG A 1 36 ? -8.552  -3.058  2.651   1.00 18.16 ? 229 ARG A CB  1 
ATOM   287 C CG  . ARG A 1 36 ? -9.061  -1.633  2.486   1.00 20.43 ? 229 ARG A CG  1 
ATOM   288 C CD  . ARG A 1 36 ? -10.079 -1.560  1.361   1.00 27.73 ? 229 ARG A CD  1 
ATOM   289 N NE  . ARG A 1 36 ? -11.137 -2.531  1.585   1.00 36.12 ? 229 ARG A NE  1 
ATOM   290 C CZ  . ARG A 1 36 ? -11.502 -3.467  0.710   1.00 44.96 ? 229 ARG A CZ  1 
ATOM   291 N NH1 . ARG A 1 36 ? -10.896 -3.555  -0.480  1.00 47.01 ? 229 ARG A NH1 1 
ATOM   292 N NH2 . ARG A 1 36 ? -12.448 -4.353  1.043   1.00 47.51 ? 229 ARG A NH2 1 
ATOM   293 N N   . GLU A 1 37 ? -9.073  -3.208  5.680   1.00 15.56 ? 230 GLU A N   1 
ATOM   294 C CA  . GLU A 1 37 ? -9.726  -2.673  6.864   1.00 17.99 ? 230 GLU A CA  1 
ATOM   295 C C   . GLU A 1 37 ? -8.821  -2.418  8.067   1.00 17.04 ? 230 GLU A C   1 
ATOM   296 O O   . GLU A 1 37 ? -8.921  -1.364  8.718   1.00 17.77 ? 230 GLU A O   1 
ATOM   297 C CB  . GLU A 1 37 ? -10.888 -3.579  7.255   1.00 20.50 ? 230 GLU A CB  1 
ATOM   298 C CG  . GLU A 1 37 ? -12.057 -3.545  6.277   1.00 28.40 ? 230 GLU A CG  1 
ATOM   299 C CD  . GLU A 1 37 ? -11.774 -4.257  4.959   1.00 30.46 ? 230 GLU A CD  1 
ATOM   300 O OE1 . GLU A 1 37 ? -11.176 -5.351  4.993   1.00 31.73 ? 230 GLU A OE1 1 
ATOM   301 O OE2 . GLU A 1 37 ? -12.168 -3.716  3.905   1.00 32.20 ? 230 GLU A OE2 1 
ATOM   302 N N   . ARG A 1 38 ? -7.959  -3.383  8.383   1.00 16.72 ? 231 ARG A N   1 
ATOM   303 C CA  . ARG A 1 38 ? -7.034  -3.239  9.508   1.00 17.29 ? 231 ARG A CA  1 
ATOM   304 C C   . ARG A 1 38 ? -6.037  -2.118  9.223   1.00 17.28 ? 231 ARG A C   1 
ATOM   305 O O   . ARG A 1 38 ? -5.705  -1.316  10.099  1.00 14.39 ? 231 ARG A O   1 
ATOM   306 C CB  . ARG A 1 38 ? -6.260  -4.542  9.751   1.00 18.58 ? 231 ARG A CB  1 
ATOM   307 C CG  . ARG A 1 38 ? -7.080  -5.604  10.436  1.00 21.57 ? 231 ARG A CG  1 
ATOM   308 C CD  . ARG A 1 38 ? -6.280  -6.868  10.664  1.00 26.06 ? 231 ARG A CD  1 
ATOM   309 N NE  . ARG A 1 38 ? -5.235  -6.734  11.679  1.00 27.88 ? 231 ARG A NE  1 
ATOM   310 C CZ  . ARG A 1 38 ? -4.397  -7.718  12.003  1.00 29.31 ? 231 ARG A CZ  1 
ATOM   311 N NH1 . ARG A 1 38 ? -4.478  -8.895  11.386  1.00 33.74 ? 231 ARG A NH1 1 
ATOM   312 N NH2 . ARG A 1 38 ? -3.486  -7.544  12.945  1.00 30.43 ? 231 ARG A NH2 1 
ATOM   313 N N   . PHE A 1 39 ? -5.560  -2.076  7.985   1.00 12.28 ? 232 PHE A N   1 
ATOM   314 C CA  . PHE A 1 39 ? -4.604  -1.062  7.584   1.00 13.21 ? 232 PHE A CA  1 
ATOM   315 C C   . PHE A 1 39 ? -5.213  0.333   7.747   1.00 10.50 ? 232 PHE A C   1 
ATOM   316 O O   . PHE A 1 39 ? -4.613  1.229   8.344   1.00 12.01 ? 232 PHE A O   1 
ATOM   317 C CB  . PHE A 1 39 ? -4.179  -1.302  6.125   1.00 13.12 ? 232 PHE A CB  1 
ATOM   318 C CG  . PHE A 1 39 ? -3.332  -0.204  5.562   1.00 13.70 ? 232 PHE A CG  1 
ATOM   319 C CD1 . PHE A 1 39 ? -1.996  -0.083  5.934   1.00 12.69 ? 232 PHE A CD1 1 
ATOM   320 C CD2 . PHE A 1 39 ? -3.892  0.761   4.715   1.00 16.05 ? 232 PHE A CD2 1 
ATOM   321 C CE1 . PHE A 1 39 ? -1.226  0.993   5.476   1.00 14.07 ? 232 PHE A CE1 1 
ATOM   322 C CE2 . PHE A 1 39 ? -3.129  1.841   4.252   1.00 14.91 ? 232 PHE A CE2 1 
ATOM   323 C CZ  . PHE A 1 39 ? -1.794  1.958   4.635   1.00 13.97 ? 232 PHE A CZ  1 
ATOM   324 N N   . VAL A 1 40 ? -6.412  0.511   7.217   1.00 10.24 ? 233 VAL A N   1 
ATOM   325 C CA  . VAL A 1 40 ? -7.081  1.795   7.294   1.00 13.96 ? 233 VAL A CA  1 
ATOM   326 C C   . VAL A 1 40 ? -7.349  2.186   8.747   1.00 15.20 ? 233 VAL A C   1 
ATOM   327 O O   . VAL A 1 40 ? -7.135  3.323   9.147   1.00 14.21 ? 233 VAL A O   1 
ATOM   328 C CB  . VAL A 1 40 ? -8.398  1.750   6.483   1.00 14.08 ? 233 VAL A CB  1 
ATOM   329 C CG1 . VAL A 1 40 ? -9.278  2.943   6.803   1.00 15.66 ? 233 VAL A CG1 1 
ATOM   330 C CG2 . VAL A 1 40 ? -8.081  1.709   4.995   1.00 12.32 ? 233 VAL A CG2 1 
ATOM   331 N N   . GLN A 1 41 ? -7.693  1.198   9.562   1.00 19.18 ? 234 GLN A N   1 
ATOM   332 C CA  . GLN A 1 41 ? -8.003  1.458   10.952  1.00 20.48 ? 234 GLN A CA  1 
ATOM   333 C C   . GLN A 1 41 ? -6.801  1.712   11.848  1.00 18.20 ? 234 GLN A C   1 
ATOM   334 O O   . GLN A 1 41 ? -6.810  2.647   12.662  1.00 18.29 ? 234 GLN A O   1 
ATOM   335 C CB  . GLN A 1 41 ? -8.833  0.302   11.521  1.00 23.60 ? 234 GLN A CB  1 
ATOM   336 C CG  . GLN A 1 41 ? -9.542  0.659   12.818  1.00 32.33 ? 234 GLN A CG  1 
ATOM   337 C CD  . GLN A 1 41 ? -10.458 -0.437  13.328  1.00 37.59 ? 234 GLN A CD  1 
ATOM   338 O OE1 . GLN A 1 41 ? -10.007 -1.519  13.714  1.00 40.72 ? 234 GLN A OE1 1 
ATOM   339 N NE2 . GLN A 1 41 ? -11.753 -0.148  13.361  1.00 38.72 ? 234 GLN A NE2 1 
ATOM   340 N N   . GLU A 1 42 ? -5.741  0.932   11.665  1.00 17.39 ? 235 GLU A N   1 
ATOM   341 C CA  . GLU A 1 42 ? -4.580  1.033   12.547  1.00 18.24 ? 235 GLU A CA  1 
ATOM   342 C C   . GLU A 1 42 ? -3.311  1.754   12.062  1.00 18.92 ? 235 GLU A C   1 
ATOM   343 O O   . GLU A 1 42 ? -2.546  2.255   12.887  1.00 20.59 ? 235 GLU A O   1 
ATOM   344 C CB  . GLU A 1 42 ? -4.177  -0.379  13.036  1.00 19.97 ? 235 GLU A CB  1 
ATOM   345 C CG  . GLU A 1 42 ? -5.336  -1.311  13.487  1.00 21.05 ? 235 GLU A CG  1 
ATOM   346 C CD  . GLU A 1 42 ? -6.153  -0.789  14.686  1.00 23.22 ? 235 GLU A CD  1 
ATOM   347 O OE1 . GLU A 1 42 ? -5.601  -0.062  15.535  1.00 21.00 ? 235 GLU A OE1 1 
ATOM   348 O OE2 . GLU A 1 42 ? -7.357  -1.119  14.763  1.00 26.18 ? 235 GLU A OE2 1 
ATOM   349 N N   . VAL A 1 43 ? -3.101  1.843   10.751  1.00 17.69 ? 236 VAL A N   1 
ATOM   350 C CA  . VAL A 1 43 ? -1.876  2.430   10.221  1.00 15.71 ? 236 VAL A CA  1 
ATOM   351 C C   . VAL A 1 43 ? -2.028  3.791   9.570   1.00 15.01 ? 236 VAL A C   1 
ATOM   352 O O   . VAL A 1 43 ? -1.289  4.729   9.882   1.00 14.56 ? 236 VAL A O   1 
ATOM   353 C CB  . VAL A 1 43 ? -1.214  1.447   9.204   1.00 17.37 ? 236 VAL A CB  1 
ATOM   354 C CG1 . VAL A 1 43 ? 0.057   2.046   8.587   1.00 15.75 ? 236 VAL A CG1 1 
ATOM   355 C CG2 . VAL A 1 43 ? -0.914  0.122   9.885   1.00 13.39 ? 236 VAL A CG2 1 
ATOM   356 N N   . LEU A 1 44 ? -2.995  3.896   8.678   1.00 15.03 ? 237 LEU A N   1 
ATOM   357 C CA  . LEU A 1 44 ? -3.239  5.140   7.951   1.00 17.77 ? 237 LEU A CA  1 
ATOM   358 C C   . LEU A 1 44 ? -3.295  6.405   8.813   1.00 17.14 ? 237 LEU A C   1 
ATOM   359 O O   . LEU A 1 44 ? -2.641  7.388   8.502   1.00 17.37 ? 237 LEU A O   1 
ATOM   360 C CB  . LEU A 1 44 ? -4.513  4.995   7.109   1.00 16.81 ? 237 LEU A CB  1 
ATOM   361 C CG  . LEU A 1 44 ? -4.566  5.720   5.769   1.00 20.17 ? 237 LEU A CG  1 
ATOM   362 C CD1 . LEU A 1 44 ? -3.277  5.489   4.990   1.00 20.77 ? 237 LEU A CD1 1 
ATOM   363 C CD2 . LEU A 1 44 ? -5.763  5.195   4.997   1.00 21.24 ? 237 LEU A CD2 1 
ATOM   364 N N   . PRO A 1 45 ? -4.043  6.377   9.936   1.00 20.51 ? 238 PRO A N   1 
ATOM   365 C CA  . PRO A 1 45 ? -4.153  7.550   10.813  1.00 21.24 ? 238 PRO A CA  1 
ATOM   366 C C   . PRO A 1 45 ? -2.813  8.016   11.351  1.00 20.45 ? 238 PRO A C   1 
ATOM   367 O O   . PRO A 1 45 ? -2.643  9.195   11.652  1.00 22.51 ? 238 PRO A O   1 
ATOM   368 C CB  . PRO A 1 45 ? -5.012  7.028   11.971  1.00 22.66 ? 238 PRO A CB  1 
ATOM   369 C CG  . PRO A 1 45 ? -5.881  5.999   11.323  1.00 22.51 ? 238 PRO A CG  1 
ATOM   370 C CD  . PRO A 1 45 ? -4.861  5.269   10.474  1.00 22.45 ? 238 PRO A CD  1 
ATOM   371 N N   . LYS A 1 46 ? -1.872  7.086   11.492  1.00 19.83 ? 239 LYS A N   1 
ATOM   372 C CA  . LYS A 1 46 ? -0.547  7.413   12.019  1.00 20.99 ? 239 LYS A CA  1 
ATOM   373 C C   . LYS A 1 46 ? 0.249   8.317   11.092  1.00 20.46 ? 239 LYS A C   1 
ATOM   374 O O   . LYS A 1 46 ? 1.107   9.074   11.539  1.00 22.03 ? 239 LYS A O   1 
ATOM   375 C CB  . LYS A 1 46 ? 0.270   6.142   12.280  1.00 21.14 ? 239 LYS A CB  1 
ATOM   376 C CG  . LYS A 1 46 ? -0.103  5.396   13.534  1.00 24.99 ? 239 LYS A CG  1 
ATOM   377 C CD  . LYS A 1 46 ? 0.449   3.976   13.531  1.00 29.38 ? 239 LYS A CD  1 
ATOM   378 C CE  . LYS A 1 46 ? 1.966   3.929   13.512  1.00 31.19 ? 239 LYS A CE  1 
ATOM   379 N NZ  . LYS A 1 46 ? 2.467   2.528   13.644  1.00 29.67 ? 239 LYS A NZ  1 
ATOM   380 N N   . TYR A 1 47 ? -0.063  8.266   9.805   1.00 19.48 ? 240 TYR A N   1 
ATOM   381 C CA  . TYR A 1 47 ? 0.672   9.045   8.835   1.00 18.64 ? 240 TYR A CA  1 
ATOM   382 C C   . TYR A 1 47 ? -0.117  10.148  8.131   1.00 20.42 ? 240 TYR A C   1 
ATOM   383 O O   . TYR A 1 47 ? 0.468   11.128  7.660   1.00 20.51 ? 240 TYR A O   1 
ATOM   384 C CB  . TYR A 1 47 ? 1.277   8.091   7.813   1.00 14.73 ? 240 TYR A CB  1 
ATOM   385 C CG  . TYR A 1 47 ? 2.168   7.055   8.445   1.00 17.24 ? 240 TYR A CG  1 
ATOM   386 C CD1 . TYR A 1 47 ? 3.516   7.317   8.644   1.00 17.11 ? 240 TYR A CD1 1 
ATOM   387 C CD2 . TYR A 1 47 ? 1.657   5.829   8.877   1.00 17.01 ? 240 TYR A CD2 1 
ATOM   388 C CE1 . TYR A 1 47 ? 4.339   6.393   9.256   1.00 17.16 ? 240 TYR A CE1 1 
ATOM   389 C CE2 . TYR A 1 47 ? 2.476   4.899   9.496   1.00 16.35 ? 240 TYR A CE2 1 
ATOM   390 C CZ  . TYR A 1 47 ? 3.820   5.194   9.680   1.00 16.09 ? 240 TYR A CZ  1 
ATOM   391 O OH  . TYR A 1 47 ? 4.647   4.313   10.318  1.00 18.32 ? 240 TYR A OH  1 
ATOM   392 N N   . PHE A 1 48 ? -1.433  9.986   8.025   1.00 21.02 ? 241 PHE A N   1 
ATOM   393 C CA  . PHE A 1 48 ? -2.264  10.986  7.359   1.00 22.35 ? 241 PHE A CA  1 
ATOM   394 C C   . PHE A 1 48 ? -3.418  11.291  8.283   1.00 25.36 ? 241 PHE A C   1 
ATOM   395 O O   . PHE A 1 48 ? -4.240  10.416  8.554   1.00 29.82 ? 241 PHE A O   1 
ATOM   396 C CB  . PHE A 1 48 ? -2.799  10.445  6.037   1.00 20.63 ? 241 PHE A CB  1 
ATOM   397 C CG  . PHE A 1 48 ? -1.730  9.917   5.115   1.00 21.06 ? 241 PHE A CG  1 
ATOM   398 C CD1 . PHE A 1 48 ? -1.072  10.767  4.222   1.00 21.77 ? 241 PHE A CD1 1 
ATOM   399 C CD2 . PHE A 1 48 ? -1.362  8.578   5.159   1.00 20.76 ? 241 PHE A CD2 1 
ATOM   400 C CE1 . PHE A 1 48 ? -0.056  10.288  3.381   1.00 22.85 ? 241 PHE A CE1 1 
ATOM   401 C CE2 . PHE A 1 48 ? -0.346  8.081   4.323   1.00 24.05 ? 241 PHE A CE2 1 
ATOM   402 C CZ  . PHE A 1 48 ? 0.310   8.938   3.433   1.00 24.59 ? 241 PHE A CZ  1 
ATOM   403 N N   . LYS A 1 49 ? -3.463  12.530  8.764   1.00 26.75 ? 242 LYS A N   1 
ATOM   404 C CA  . LYS A 1 49 ? -4.488  13.003  9.700   1.00 29.35 ? 242 LYS A CA  1 
ATOM   405 C C   . LYS A 1 49 ? -5.932  12.600  9.346   1.00 29.86 ? 242 LYS A C   1 
ATOM   406 O O   . LYS A 1 49 ? -6.651  12.024  10.170  1.00 30.07 ? 242 LYS A O   1 
ATOM   407 C CB  . LYS A 1 49 ? -4.379  14.523  9.814   1.00 30.88 ? 242 LYS A CB  1 
ATOM   408 C CG  . LYS A 1 49 ? -4.907  15.093  11.116  1.00 38.12 ? 242 LYS A CG  1 
ATOM   409 C CD  . LYS A 1 49 ? -4.576  16.588  11.250  1.00 42.43 ? 242 LYS A CD  1 
ATOM   410 C CE  . LYS A 1 49 ? -4.945  17.129  12.635  1.00 47.65 ? 242 LYS A CE  1 
ATOM   411 N NZ  . LYS A 1 49 ? -4.217  16.441  13.758  1.00 49.82 ? 242 LYS A NZ  1 
ATOM   412 N N   . HIS A 1 50 ? -6.365  12.968  8.141   1.00 27.72 ? 243 HIS A N   1 
ATOM   413 C CA  . HIS A 1 50 ? -7.703  12.651  7.657   1.00 27.98 ? 243 HIS A CA  1 
ATOM   414 C C   . HIS A 1 50 ? -7.562  12.134  6.237   1.00 28.66 ? 243 HIS A C   1 
ATOM   415 O O   . HIS A 1 50 ? -7.480  12.917  5.293   1.00 32.85 ? 243 HIS A O   1 
ATOM   416 C CB  . HIS A 1 50 ? -8.584  13.900  7.626   1.00 27.80 ? 243 HIS A CB  1 
ATOM   417 C CG  . HIS A 1 50 ? -8.748  14.559  8.958   1.00 28.59 ? 243 HIS A CG  1 
ATOM   418 N ND1 . HIS A 1 50 ? -8.131  15.751  9.284   1.00 28.83 ? 243 HIS A ND1 1 
ATOM   419 C CD2 . HIS A 1 50 ? -9.454  14.189  10.054  1.00 27.89 ? 243 HIS A CD2 1 
ATOM   420 C CE1 . HIS A 1 50 ? -8.449  16.086  10.520  1.00 27.39 ? 243 HIS A CE1 1 
ATOM   421 N NE2 . HIS A 1 50 ? -9.248  15.155  11.008  1.00 32.47 ? 243 HIS A NE2 1 
ATOM   422 N N   . SER A 1 51 ? -7.458  10.823  6.089   1.00 27.86 ? 244 SER A N   1 
ATOM   423 C CA  . SER A 1 51 ? -7.322  10.235  4.768   1.00 25.18 ? 244 SER A CA  1 
ATOM   424 C C   . SER A 1 51 ? -8.248  9.044   4.724   1.00 20.47 ? 244 SER A C   1 
ATOM   425 O O   . SER A 1 51 ? -9.102  8.869   5.595   1.00 20.00 ? 244 SER A O   1 
ATOM   426 C CB  . SER A 1 51 ? -5.864  9.807   4.510   1.00 28.64 ? 244 SER A CB  1 
ATOM   427 O OG  . SER A 1 51 ? -5.582  9.596   3.127   1.00 28.93 ? 244 SER A OG  1 
ATOM   428 N N   . ASN A 1 52 ? -8.102  8.258   3.673   1.00 17.11 ? 245 ASN A N   1 
ATOM   429 C CA  . ASN A 1 52 ? -8.910  7.080   3.476   1.00 16.24 ? 245 ASN A CA  1 
ATOM   430 C C   . ASN A 1 52 ? -8.174  6.227   2.433   1.00 15.56 ? 245 ASN A C   1 
ATOM   431 O O   . ASN A 1 52 ? -7.205  6.687   1.840   1.00 16.27 ? 245 ASN A O   1 
ATOM   432 C CB  . ASN A 1 52 ? -10.311 7.495   3.028   1.00 17.48 ? 245 ASN A CB  1 
ATOM   433 C CG  . ASN A 1 52 ? -10.285 8.536   1.940   1.00 18.32 ? 245 ASN A CG  1 
ATOM   434 O OD1 . ASN A 1 52 ? -9.870  8.256   0.813   1.00 17.51 ? 245 ASN A OD1 1 
ATOM   435 N ND2 . ASN A 1 52 ? -10.683 9.760   2.277   1.00 19.85 ? 245 ASN A ND2 1 
ATOM   436 N N   . PHE A 1 53 ? -8.598  4.978   2.246   1.00 13.38 ? 246 PHE A N   1 
ATOM   437 C CA  . PHE A 1 53 ? -7.938  4.080   1.315   1.00 13.54 ? 246 PHE A CA  1 
ATOM   438 C C   . PHE A 1 53 ? -7.940  4.568   -0.137  1.00 14.53 ? 246 PHE A C   1 
ATOM   439 O O   . PHE A 1 53 ? -6.940  4.404   -0.826  1.00 13.38 ? 246 PHE A O   1 
ATOM   440 C CB  . PHE A 1 53 ? -8.539  2.684   1.403   1.00 13.15 ? 246 PHE A CB  1 
ATOM   441 C CG  . PHE A 1 53 ? -7.600  1.594   0.976   1.00 15.07 ? 246 PHE A CG  1 
ATOM   442 C CD1 . PHE A 1 53 ? -6.427  1.348   1.691   1.00 16.61 ? 246 PHE A CD1 1 
ATOM   443 C CD2 . PHE A 1 53 ? -7.896  0.797   -0.113  1.00 11.59 ? 246 PHE A CD2 1 
ATOM   444 C CE1 . PHE A 1 53 ? -5.561  0.313   1.325   1.00 17.12 ? 246 PHE A CE1 1 
ATOM   445 C CE2 . PHE A 1 53 ? -7.051  -0.231  -0.490  1.00 13.64 ? 246 PHE A CE2 1 
ATOM   446 C CZ  . PHE A 1 53 ? -5.875  -0.480  0.232   1.00 15.98 ? 246 PHE A CZ  1 
ATOM   447 N N   . ALA A 1 54 ? -9.056  5.144   -0.599  1.00 13.67 ? 247 ALA A N   1 
ATOM   448 C CA  . ALA A 1 54 ? -9.133  5.646   -1.965  1.00 13.09 ? 247 ALA A CA  1 
ATOM   449 C C   . ALA A 1 54 ? -8.069  6.705   -2.184  1.00 14.73 ? 247 ALA A C   1 
ATOM   450 O O   . ALA A 1 54 ? -7.400  6.687   -3.220  1.00 15.27 ? 247 ALA A O   1 
ATOM   451 C CB  . ALA A 1 54 ? -10.497 6.204   -2.276  1.00 13.39 ? 247 ALA A CB  1 
ATOM   452 N N   . SER A 1 55 ? -7.882  7.598   -1.212  1.00 13.13 ? 248 SER A N   1 
ATOM   453 C CA  . SER A 1 55 ? -6.863  8.641   -1.333  1.00 14.95 ? 248 SER A CA  1 
ATOM   454 C C   . SER A 1 55 ? -5.487  8.024   -1.387  1.00 14.15 ? 248 SER A C   1 
ATOM   455 O O   . SER A 1 55 ? -4.633  8.458   -2.173  1.00 15.36 ? 248 SER A O   1 
ATOM   456 C CB  . SER A 1 55 ? -6.905  9.626   -0.159  1.00 17.33 ? 248 SER A CB  1 
ATOM   457 O OG  . SER A 1 55 ? -7.833  10.664  -0.399  1.00 24.80 ? 248 SER A OG  1 
ATOM   458 N N   . PHE A 1 56 ? -5.266  7.024   -0.536  1.00 13.68 ? 249 PHE A N   1 
ATOM   459 C CA  . PHE A 1 56 ? -3.980  6.329   -0.469  1.00 12.95 ? 249 PHE A CA  1 
ATOM   460 C C   . PHE A 1 56 ? -3.619  5.630   -1.807  1.00 11.37 ? 249 PHE A C   1 
ATOM   461 O O   . PHE A 1 56 ? -2.488  5.775   -2.311  1.00 8.09  ? 249 PHE A O   1 
ATOM   462 C CB  . PHE A 1 56 ? -3.997  5.340   0.717   1.00 13.65 ? 249 PHE A CB  1 
ATOM   463 C CG  . PHE A 1 56 ? -2.710  4.560   0.902   1.00 12.93 ? 249 PHE A CG  1 
ATOM   464 C CD1 . PHE A 1 56 ? -1.577  5.168   1.443   1.00 13.49 ? 249 PHE A CD1 1 
ATOM   465 C CD2 . PHE A 1 56 ? -2.641  3.209   0.548   1.00 14.46 ? 249 PHE A CD2 1 
ATOM   466 C CE1 . PHE A 1 56 ? -0.393  4.439   1.629   1.00 13.96 ? 249 PHE A CE1 1 
ATOM   467 C CE2 . PHE A 1 56 ? -1.456  2.475   0.732   1.00 13.27 ? 249 PHE A CE2 1 
ATOM   468 C CZ  . PHE A 1 56 ? -0.337  3.094   1.271   1.00 13.00 ? 249 PHE A CZ  1 
ATOM   469 N N   . VAL A 1 57 ? -4.581  4.901   -2.380  1.00 9.84  ? 250 VAL A N   1 
ATOM   470 C CA  . VAL A 1 57 ? -4.391  4.199   -3.653  1.00 11.78 ? 250 VAL A CA  1 
ATOM   471 C C   . VAL A 1 57 ? -4.210  5.170   -4.836  1.00 11.76 ? 250 VAL A C   1 
ATOM   472 O O   . VAL A 1 57 ? -3.422  4.898   -5.731  1.00 10.80 ? 250 VAL A O   1 
ATOM   473 C CB  . VAL A 1 57 ? -5.557  3.215   -3.939  1.00 12.74 ? 250 VAL A CB  1 
ATOM   474 C CG1 . VAL A 1 57 ? -5.435  2.612   -5.329  1.00 13.83 ? 250 VAL A CG1 1 
ATOM   475 C CG2 . VAL A 1 57 ? -5.533  2.090   -2.916  1.00 17.47 ? 250 VAL A CG2 1 
ATOM   476 N N   . ARG A 1 58 ? -4.888  6.315   -4.806  1.00 10.61 ? 251 ARG A N   1 
ATOM   477 C CA  . ARG A 1 58 ? -4.775  7.329   -5.855  1.00 12.56 ? 251 ARG A CA  1 
ATOM   478 C C   . ARG A 1 58 ? -3.331  7.835   -5.914  1.00 12.43 ? 251 ARG A C   1 
ATOM   479 O O   . ARG A 1 58 ? -2.747  7.996   -6.990  1.00 12.50 ? 251 ARG A O   1 
ATOM   480 C CB  . ARG A 1 58 ? -5.710  8.484   -5.549  1.00 13.21 ? 251 ARG A CB  1 
ATOM   481 C CG  . ARG A 1 58 ? -5.924  9.421   -6.706  1.00 22.22 ? 251 ARG A CG  1 
ATOM   482 C CD  . ARG A 1 58 ? -6.726  10.649  -6.264  1.00 32.69 ? 251 ARG A CD  1 
ATOM   483 N NE  . ARG A 1 58 ? -5.879  11.736  -5.762  1.00 42.48 ? 251 ARG A NE  1 
ATOM   484 C CZ  . ARG A 1 58 ? -5.373  11.816  -4.527  1.00 47.85 ? 251 ARG A CZ  1 
ATOM   485 N NH1 . ARG A 1 58 ? -5.622  10.871  -3.618  1.00 48.60 ? 251 ARG A NH1 1 
ATOM   486 N NH2 . ARG A 1 58 ? -4.589  12.842  -4.200  1.00 50.27 ? 251 ARG A NH2 1 
ATOM   487 N N   . GLN A 1 59 ? -2.768  8.111   -4.740  1.00 11.01 ? 252 GLN A N   1 
ATOM   488 C CA  . GLN A 1 59 ? -1.381  8.543   -4.638  1.00 10.60 ? 252 GLN A CA  1 
ATOM   489 C C   . GLN A 1 59 ? -0.456  7.424   -5.116  1.00 9.73  ? 252 GLN A C   1 
ATOM   490 O O   . GLN A 1 59 ? 0.462   7.682   -5.877  1.00 10.41 ? 252 GLN A O   1 
ATOM   491 C CB  . GLN A 1 59 ? -1.038  8.923   -3.198  1.00 15.63 ? 252 GLN A CB  1 
ATOM   492 C CG  . GLN A 1 59 ? -1.441  10.354  -2.810  1.00 23.36 ? 252 GLN A CG  1 
ATOM   493 C CD  . GLN A 1 59 ? -0.594  11.437  -3.498  1.00 29.60 ? 252 GLN A CD  1 
ATOM   494 O OE1 . GLN A 1 59 ? 0.637   11.337  -3.583  1.00 32.44 ? 252 GLN A OE1 1 
ATOM   495 N NE2 . GLN A 1 59 ? -1.260  12.480  -3.983  1.00 36.12 ? 252 GLN A NE2 1 
ATOM   496 N N   . LEU A 1 60 ? -0.700  6.181   -4.689  1.00 10.35 ? 253 LEU A N   1 
ATOM   497 C CA  . LEU A 1 60 ? 0.125   5.042   -5.126  1.00 9.65  ? 253 LEU A CA  1 
ATOM   498 C C   . LEU A 1 60 ? 0.176   4.940   -6.659  1.00 9.84  ? 253 LEU A C   1 
ATOM   499 O O   . LEU A 1 60 ? 1.257   4.763   -7.238  1.00 9.11  ? 253 LEU A O   1 
ATOM   500 C CB  . LEU A 1 60 ? -0.398  3.716   -4.550  1.00 9.02  ? 253 LEU A CB  1 
ATOM   501 C CG  . LEU A 1 60 ? -0.104  3.376   -3.084  1.00 9.27  ? 253 LEU A CG  1 
ATOM   502 C CD1 . LEU A 1 60 ? -0.887  2.163   -2.666  1.00 11.55 ? 253 LEU A CD1 1 
ATOM   503 C CD2 . LEU A 1 60 ? 1.383   3.136   -2.888  1.00 9.63  ? 253 LEU A CD2 1 
ATOM   504 N N   . ASN A 1 61 ? -0.979  5.099   -7.303  1.00 8.58  ? 254 ASN A N   1 
ATOM   505 C CA  . ASN A 1 61 ? -1.101  4.998   -8.761  1.00 11.02 ? 254 ASN A CA  1 
ATOM   506 C C   . ASN A 1 61 ? -0.228  6.010   -9.509  1.00 11.32 ? 254 ASN A C   1 
ATOM   507 O O   . ASN A 1 61 ? 0.348   5.679   -10.543 1.00 11.26 ? 254 ASN A O   1 
ATOM   508 C CB  . ASN A 1 61 ? -2.553  5.174   -9.215  1.00 9.82  ? 254 ASN A CB  1 
ATOM   509 C CG  . ASN A 1 61 ? -3.475  4.009   -8.824  1.00 10.39 ? 254 ASN A CG  1 
ATOM   510 O OD1 . ASN A 1 61 ? -4.686  4.196   -8.780  1.00 12.14 ? 254 ASN A OD1 1 
ATOM   511 N ND2 . ASN A 1 61 ? -2.922  2.816   -8.558  1.00 9.93  ? 254 ASN A ND2 1 
ATOM   512 N N   . MET A 1 62 ? -0.117  7.223   -8.973  1.00 12.66 ? 255 MET A N   1 
ATOM   513 C CA  . MET A 1 62 ? 0.690   8.283   -9.591  1.00 15.52 ? 255 MET A CA  1 
ATOM   514 C C   . MET A 1 62 ? 2.171   7.966   -9.614  1.00 15.57 ? 255 MET A C   1 
ATOM   515 O O   . MET A 1 62 ? 2.912   8.498   -10.441 1.00 15.68 ? 255 MET A O   1 
ATOM   516 C CB  . MET A 1 62 ? 0.502   9.623   -8.874  1.00 17.90 ? 255 MET A CB  1 
ATOM   517 C CG  . MET A 1 62 ? -0.872  10.225  -9.044  1.00 26.84 ? 255 MET A CG  1 
ATOM   518 S SD  . MET A 1 62 ? -1.067  11.830  -8.221  1.00 33.56 ? 255 MET A SD  1 
ATOM   519 C CE  . MET A 1 62 ? 0.265   11.814  -7.050  1.00 31.34 ? 255 MET A CE  1 
ATOM   520 N N   . TYR A 1 63 ? 2.618   7.136   -8.675  1.00 14.40 ? 256 TYR A N   1 
ATOM   521 C CA  . TYR A 1 63 ? 4.022   6.761   -8.596  1.00 12.33 ? 256 TYR A CA  1 
ATOM   522 C C   . TYR A 1 63 ? 4.332   5.390   -9.206  1.00 10.82 ? 256 TYR A C   1 
ATOM   523 O O   . TYR A 1 63 ? 5.390   4.804   -8.970  1.00 12.72 ? 256 TYR A O   1 
ATOM   524 C CB  . TYR A 1 63 ? 4.512   6.896   -7.157  1.00 13.32 ? 256 TYR A CB  1 
ATOM   525 C CG  . TYR A 1 63 ? 4.495   8.350   -6.701  1.00 14.35 ? 256 TYR A CG  1 
ATOM   526 C CD1 . TYR A 1 63 ? 5.511   9.236   -7.090  1.00 13.13 ? 256 TYR A CD1 1 
ATOM   527 C CD2 . TYR A 1 63 ? 3.431   8.850   -5.948  1.00 11.91 ? 256 TYR A CD2 1 
ATOM   528 C CE1 . TYR A 1 63 ? 5.455   10.581  -6.750  1.00 14.11 ? 256 TYR A CE1 1 
ATOM   529 C CE2 . TYR A 1 63 ? 3.364   10.188  -5.600  1.00 14.78 ? 256 TYR A CE2 1 
ATOM   530 C CZ  . TYR A 1 63 ? 4.375   11.053  -6.005  1.00 14.73 ? 256 TYR A CZ  1 
ATOM   531 O OH  . TYR A 1 63 ? 4.294   12.393  -5.693  1.00 16.13 ? 256 TYR A OH  1 
ATOM   532 N N   . GLY A 1 64 ? 3.394   4.893   -10.007 1.00 11.57 ? 257 GLY A N   1 
ATOM   533 C CA  . GLY A 1 64 ? 3.579   3.624   -10.694 1.00 12.66 ? 257 GLY A CA  1 
ATOM   534 C C   . GLY A 1 64 ? 3.108   2.343   -10.014 1.00 12.50 ? 257 GLY A C   1 
ATOM   535 O O   . GLY A 1 64 ? 3.247   1.257   -10.616 1.00 10.86 ? 257 GLY A O   1 
ATOM   536 N N   . TRP A 1 65 ? 2.539   2.442   -8.803  1.00 11.57 ? 258 TRP A N   1 
ATOM   537 C CA  . TRP A 1 65 ? 2.079   1.254   -8.067  1.00 10.55 ? 258 TRP A CA  1 
ATOM   538 C C   . TRP A 1 65 ? 0.649   0.864   -8.450  1.00 10.07 ? 258 TRP A C   1 
ATOM   539 O O   . TRP A 1 65 ? -0.229  1.720   -8.521  1.00 12.49 ? 258 TRP A O   1 
ATOM   540 C CB  . TRP A 1 65 ? 2.154   1.495   -6.559  1.00 9.86  ? 258 TRP A CB  1 
ATOM   541 C CG  . TRP A 1 65 ? 3.523   1.733   -6.061  1.00 7.50  ? 258 TRP A CG  1 
ATOM   542 C CD1 . TRP A 1 65 ? 4.108   2.941   -5.814  1.00 9.05  ? 258 TRP A CD1 1 
ATOM   543 C CD2 . TRP A 1 65 ? 4.511   0.739   -5.768  1.00 10.53 ? 258 TRP A CD2 1 
ATOM   544 N NE1 . TRP A 1 65 ? 5.403   2.769   -5.403  1.00 10.70 ? 258 TRP A NE1 1 
ATOM   545 C CE2 . TRP A 1 65 ? 5.684   1.427   -5.368  1.00 9.65  ? 258 TRP A CE2 1 
ATOM   546 C CE3 . TRP A 1 65 ? 4.516   -0.668  -5.803  1.00 8.62  ? 258 TRP A CE3 1 
ATOM   547 C CZ2 . TRP A 1 65 ? 6.852   0.761   -5.009  1.00 10.19 ? 258 TRP A CZ2 1 
ATOM   548 C CZ3 . TRP A 1 65 ? 5.673   -1.332  -5.444  1.00 12.24 ? 258 TRP A CZ3 1 
ATOM   549 C CH2 . TRP A 1 65 ? 6.833   -0.619  -5.051  1.00 12.24 ? 258 TRP A CH2 1 
ATOM   550 N N   . HIS A 1 66 ? 0.409   -0.436  -8.652  1.00 11.18 ? 259 HIS A N   1 
ATOM   551 C CA  . HIS A 1 66 ? -0.910  -0.937  -9.050  1.00 10.67 ? 259 HIS A CA  1 
ATOM   552 C C   . HIS A 1 66 ? -1.289  -2.248  -8.430  1.00 9.66  ? 259 HIS A C   1 
ATOM   553 O O   . HIS A 1 66 ? -0.443  -3.117  -8.290  1.00 8.97  ? 259 HIS A O   1 
ATOM   554 C CB  . HIS A 1 66 ? -0.959  -1.241  -10.557 1.00 10.36 ? 259 HIS A CB  1 
ATOM   555 C CG  . HIS A 1 66 ? -0.719  -0.058  -11.424 1.00 11.28 ? 259 HIS A CG  1 
ATOM   556 N ND1 . HIS A 1 66 ? -1.715  0.826   -11.762 1.00 12.63 ? 259 HIS A ND1 1 
ATOM   557 C CD2 . HIS A 1 66 ? 0.417   0.418   -11.984 1.00 11.78 ? 259 HIS A CD2 1 
ATOM   558 C CE1 . HIS A 1 66 ? -1.209  1.798   -12.488 1.00 11.92 ? 259 HIS A CE1 1 
ATOM   559 N NE2 . HIS A 1 66 ? 0.080   1.570   -12.637 1.00 13.29 ? 259 HIS A NE2 1 
ATOM   560 N N   . LYS A 1 67 ? -2.563  -2.396  -8.095  1.00 10.11 ? 260 LYS A N   1 
ATOM   561 C CA  . LYS A 1 67 ? -3.043  -3.688  -7.635  1.00 12.75 ? 260 LYS A CA  1 
ATOM   562 C C   . LYS A 1 67 ? -3.545  -4.303  -8.945  1.00 12.83 ? 260 LYS A C   1 
ATOM   563 O O   . LYS A 1 67 ? -4.561  -3.854  -9.483  1.00 12.07 ? 260 LYS A O   1 
ATOM   564 C CB  . LYS A 1 67 ? -4.224  -3.594  -6.668  1.00 14.51 ? 260 LYS A CB  1 
ATOM   565 C CG  . LYS A 1 67 ? -4.773  -4.999  -6.350  1.00 17.54 ? 260 LYS A CG  1 
ATOM   566 C CD  . LYS A 1 67 ? -6.112  -4.990  -5.665  1.00 23.40 ? 260 LYS A CD  1 
ATOM   567 C CE  . LYS A 1 67 ? -6.577  -6.415  -5.316  1.00 26.96 ? 260 LYS A CE  1 
ATOM   568 N NZ  . LYS A 1 67 ? -7.700  -6.400  -4.314  1.00 28.85 ? 260 LYS A NZ  1 
ATOM   569 N N   . VAL A 1 68 ? -2.784  -5.243  -9.505  1.00 12.55 ? 261 VAL A N   1 
ATOM   570 C CA  . VAL A 1 68 ? -3.155  -5.907  -10.756 1.00 11.99 ? 261 VAL A CA  1 
ATOM   571 C C   . VAL A 1 68 ? -4.440  -6.702  -10.561 1.00 13.94 ? 261 VAL A C   1 
ATOM   572 O O   . VAL A 1 68 ? -4.543  -7.490  -9.619  1.00 13.75 ? 261 VAL A O   1 
ATOM   573 C CB  . VAL A 1 68 ? -2.032  -6.867  -11.230 1.00 13.94 ? 261 VAL A CB  1 
ATOM   574 C CG1 . VAL A 1 68 ? -2.459  -7.607  -12.509 1.00 13.21 ? 261 VAL A CG1 1 
ATOM   575 C CG2 . VAL A 1 68 ? -0.709  -6.088  -11.445 1.00 12.55 ? 261 VAL A CG2 1 
ATOM   576 N N   . GLN A 1 69 ? -5.422  -6.490  -11.437 1.00 12.46 ? 262 GLN A N   1 
ATOM   577 C CA  . GLN A 1 69 ? -6.700  -7.198  -11.348 1.00 15.27 ? 262 GLN A CA  1 
ATOM   578 C C   . GLN A 1 69 ? -6.627  -8.510  -12.126 1.00 14.01 ? 262 GLN A C   1 
ATOM   579 O O   . GLN A 1 69 ? -7.001  -8.574  -13.296 1.00 15.32 ? 262 GLN A O   1 
ATOM   580 C CB  . GLN A 1 69 ? -7.839  -6.307  -11.870 1.00 14.60 ? 262 GLN A CB  1 
ATOM   581 C CG  . GLN A 1 69 ? -8.073  -5.024  -11.034 1.00 18.70 ? 262 GLN A CG  1 
ATOM   582 C CD  . GLN A 1 69 ? -8.590  -5.260  -9.601  1.00 19.81 ? 262 GLN A CD  1 
ATOM   583 O OE1 . GLN A 1 69 ? -8.645  -4.328  -8.792  1.00 24.85 ? 262 GLN A OE1 1 
ATOM   584 N NE2 . GLN A 1 69 ? -8.996  -6.490  -9.296  1.00 19.00 ? 262 GLN A NE2 1 
ATOM   585 N N   . ASP A 1 70 ? -6.173  -9.564  -11.459 1.00 12.82 ? 263 ASP A N   1 
ATOM   586 C CA  . ASP A 1 70 ? -6.000  -10.848 -12.120 1.00 12.32 ? 263 ASP A CA  1 
ATOM   587 C C   . ASP A 1 70 ? -6.966  -11.952 -11.756 1.00 14.33 ? 263 ASP A C   1 
ATOM   588 O O   . ASP A 1 70 ? -6.701  -13.122 -12.019 1.00 17.18 ? 263 ASP A O   1 
ATOM   589 C CB  . ASP A 1 70 ? -4.564  -11.336 -11.933 1.00 15.92 ? 263 ASP A CB  1 
ATOM   590 C CG  . ASP A 1 70 ? -4.175  -11.515 -10.462 1.00 19.19 ? 263 ASP A CG  1 
ATOM   591 O OD1 . ASP A 1 70 ? -5.030  -11.330 -9.569  1.00 19.36 ? 263 ASP A OD1 1 
ATOM   592 O OD2 . ASP A 1 70 ? -2.999  -11.846 -10.208 1.00 24.28 ? 263 ASP A OD2 1 
ATOM   593 N N   . VAL A 1 71 ? -8.098  -11.576 -11.194 1.00 14.53 ? 264 VAL A N   1 
ATOM   594 C CA  . VAL A 1 71 ? -9.111  -12.530 -10.815 1.00 17.28 ? 264 VAL A CA  1 
ATOM   595 C C   . VAL A 1 71 ? -10.397 -12.119 -11.525 1.00 18.18 ? 264 VAL A C   1 
ATOM   596 O O   . VAL A 1 71 ? -10.751 -10.942 -11.542 1.00 17.61 ? 264 VAL A O   1 
ATOM   597 C CB  . VAL A 1 71 ? -9.291  -12.545 -9.281  1.00 17.55 ? 264 VAL A CB  1 
ATOM   598 C CG1 . VAL A 1 71 ? -10.452 -13.445 -8.884  1.00 18.31 ? 264 VAL A CG1 1 
ATOM   599 C CG2 . VAL A 1 71 ? -8.013  -13.023 -8.626  1.00 16.26 ? 264 VAL A CG2 1 
ATOM   600 N N   . LYS A 1 72 ? -11.055 -13.078 -12.167 1.00 19.53 ? 265 LYS A N   1 
ATOM   601 C CA  . LYS A 1 72 ? -12.296 -12.809 -12.878 1.00 23.78 ? 265 LYS A CA  1 
ATOM   602 C C   . LYS A 1 72 ? -13.387 -12.320 -11.943 1.00 26.96 ? 265 LYS A C   1 
ATOM   603 O O   . LYS A 1 72 ? -13.461 -12.722 -10.774 1.00 24.79 ? 265 LYS A O   1 
ATOM   604 C CB  . LYS A 1 72 ? -12.800 -14.060 -13.593 1.00 25.75 ? 265 LYS A CB  1 
ATOM   605 C CG  . LYS A 1 72 ? -11.998 -14.415 -14.819 1.00 30.23 ? 265 LYS A CG  1 
ATOM   606 C CD  . LYS A 1 72 ? -12.508 -15.689 -15.470 1.00 35.18 ? 265 LYS A CD  1 
ATOM   607 C CE  . LYS A 1 72 ? -11.645 -16.055 -16.676 1.00 39.55 ? 265 LYS A CE  1 
ATOM   608 N NZ  . LYS A 1 72 ? -12.196 -17.208 -17.468 1.00 46.74 ? 265 LYS A NZ  1 
ATOM   609 N N   . SER A 1 73 ? -14.234 -11.441 -12.474 1.00 30.34 ? 266 SER A N   1 
ATOM   610 C CA  . SER A 1 73 ? -15.354 -10.889 -11.724 1.00 32.78 ? 266 SER A CA  1 
ATOM   611 C C   . SER A 1 73 ? -16.322 -12.006 -11.373 1.00 33.99 ? 266 SER A C   1 
ATOM   612 O O   . SER A 1 73 ? -16.578 -12.913 -12.165 1.00 32.39 ? 266 SER A O   1 
ATOM   613 C CB  . SER A 1 73 ? -16.057 -9.808  -12.549 1.00 34.40 ? 266 SER A CB  1 
ATOM   614 O OG  . SER A 1 73 ? -15.189 -8.702  -12.780 1.00 31.68 ? 266 SER A OG  1 
ATOM   615 N N   . GLY A 1 74 ? -16.781 -11.996 -10.137 1.00 39.94 ? 267 GLY A N   1 
ATOM   616 C CA  . GLY A 1 74 ? -17.706 -13.019 -9.707  1.00 45.75 ? 267 GLY A CA  1 
ATOM   617 C C   . GLY A 1 74 ? -16.966 -14.293 -9.384  1.00 50.31 ? 267 GLY A C   1 
ATOM   618 O O   . GLY A 1 74 ? -17.428 -15.085 -8.559  1.00 52.36 ? 267 GLY A O   1 
ATOM   619 N N   . SER A 1 75 ? -15.815 -14.476 -10.026 1.00 54.83 ? 268 SER A N   1 
ATOM   620 C CA  . SER A 1 75 ? -14.981 -15.651 -9.833  1.00 60.28 ? 268 SER A CA  1 
ATOM   621 C C   . SER A 1 75 ? -14.005 -15.416 -8.666  1.00 61.57 ? 268 SER A C   1 
ATOM   622 O O   . SER A 1 75 ? -14.470 -15.019 -7.576  1.00 62.22 ? 268 SER A O   1 
ATOM   623 C CB  . SER A 1 75 ? -14.235 -15.955 -11.151 1.00 62.52 ? 268 SER A CB  1 
ATOM   624 O OG  . SER A 1 75 ? -13.681 -17.266 -11.183 1.00 68.40 ? 268 SER A OG  1 
ATOM   625 N N   . ASN A 1 80 ? -12.950 -12.405 -1.125  1.00 58.10 ? 273 ASN A N   1 
ATOM   626 C CA  . ASN A 1 80 ? -11.681 -11.754 -0.664  1.00 57.95 ? 273 ASN A CA  1 
ATOM   627 C C   . ASN A 1 80 ? -11.782 -10.218 -0.746  1.00 55.71 ? 273 ASN A C   1 
ATOM   628 O O   . ASN A 1 80 ? -12.399 -9.613  0.129   1.00 56.33 ? 273 ASN A O   1 
ATOM   629 C CB  . ASN A 1 80 ? -10.452 -12.336 -1.419  1.00 59.27 ? 273 ASN A CB  1 
ATOM   630 C CG  . ASN A 1 80 ? -9.273  -11.336 -1.558  1.00 59.33 ? 273 ASN A CG  1 
ATOM   631 O OD1 . ASN A 1 80 ? -9.154  -10.666 -2.577  1.00 61.59 ? 273 ASN A OD1 1 
ATOM   632 N ND2 . ASN A 1 80 ? -8.427  -11.254 -0.551  1.00 60.00 ? 273 ASN A ND2 1 
ATOM   633 N N   . ASP A 1 81 ? -11.247 -9.617  -1.813  1.00 50.71 ? 274 ASP A N   1 
ATOM   634 C CA  . ASP A 1 81 ? -11.222 -8.174  -2.040  1.00 45.35 ? 274 ASP A CA  1 
ATOM   635 C C   . ASP A 1 81 ? -10.489 -7.340  -0.971  1.00 40.74 ? 274 ASP A C   1 
ATOM   636 O O   . ASP A 1 81 ? -10.112 -6.191  -1.213  1.00 40.20 ? 274 ASP A O   1 
ATOM   637 C CB  . ASP A 1 81 ? -12.650 -7.657  -2.314  1.00 50.78 ? 274 ASP A CB  1 
ATOM   638 C CG  . ASP A 1 81 ? -13.179 -6.700  -1.235  1.00 55.56 ? 274 ASP A CG  1 
ATOM   639 O OD1 . ASP A 1 81 ? -13.469 -7.143  -0.095  1.00 57.04 ? 274 ASP A OD1 1 
ATOM   640 O OD2 . ASP A 1 81 ? -13.348 -5.505  -1.565  1.00 58.75 ? 274 ASP A OD2 1 
ATOM   641 N N   . SER A 1 82 ? -10.212 -7.949  0.176   1.00 32.92 ? 275 SER A N   1 
ATOM   642 C CA  . SER A 1 82 ? -9.551  -7.255  1.257   1.00 27.01 ? 275 SER A CA  1 
ATOM   643 C C   . SER A 1 82 ? -8.053  -7.245  1.156   1.00 22.17 ? 275 SER A C   1 
ATOM   644 O O   . SER A 1 82 ? -7.421  -6.421  1.797   1.00 19.73 ? 275 SER A O   1 
ATOM   645 C CB  . SER A 1 82 ? -9.968  -7.825  2.609   1.00 28.97 ? 275 SER A CB  1 
ATOM   646 O OG  . SER A 1 82 ? -11.251 -7.350  2.972   1.00 35.51 ? 275 SER A OG  1 
ATOM   647 N N   . ARG A 1 83 ? -7.479  -8.158  0.377   1.00 18.09 ? 276 ARG A N   1 
ATOM   648 C CA  . ARG A 1 83 ? -6.024  -8.188  0.242   1.00 17.88 ? 276 ARG A CA  1 
ATOM   649 C C   . ARG A 1 83 ? -5.581  -7.320  -0.921  1.00 15.88 ? 276 ARG A C   1 
ATOM   650 O O   . ARG A 1 83 ? -6.082  -7.453  -2.032  1.00 14.76 ? 276 ARG A O   1 
ATOM   651 C CB  . ARG A 1 83 ? -5.512  -9.606  0.044   1.00 18.34 ? 276 ARG A CB  1 
ATOM   652 C CG  . ARG A 1 83 ? -4.007  -9.705  0.014   1.00 20.69 ? 276 ARG A CG  1 
ATOM   653 C CD  . ARG A 1 83 ? -3.571  -11.075 -0.455  1.00 26.53 ? 276 ARG A CD  1 
ATOM   654 N NE  . ARG A 1 83 ? -2.251  -11.454 0.057   1.00 34.36 ? 276 ARG A NE  1 
ATOM   655 C CZ  . ARG A 1 83 ? -1.109  -11.324 -0.618  1.00 39.18 ? 276 ARG A CZ  1 
ATOM   656 N NH1 . ARG A 1 83 ? -1.099  -10.811 -1.853  1.00 41.82 ? 276 ARG A NH1 1 
ATOM   657 N NH2 . ARG A 1 83 ? 0.027   -11.755 -0.076  1.00 41.75 ? 276 ARG A NH2 1 
ATOM   658 N N   . TRP A 1 84 ? -4.621  -6.443  -0.666  1.00 15.15 ? 277 TRP A N   1 
ATOM   659 C CA  . TRP A 1 84 ? -4.126  -5.557  -1.700  1.00 13.63 ? 277 TRP A CA  1 
ATOM   660 C C   . TRP A 1 84 ? -2.614  -5.655  -1.840  1.00 12.85 ? 277 TRP A C   1 
ATOM   661 O O   . TRP A 1 84 ? -1.885  -5.296  -0.929  1.00 14.08 ? 277 TRP A O   1 
ATOM   662 C CB  . TRP A 1 84 ? -4.539  -4.112  -1.387  1.00 14.70 ? 277 TRP A CB  1 
ATOM   663 C CG  . TRP A 1 84 ? -5.998  -3.838  -1.649  1.00 16.11 ? 277 TRP A CG  1 
ATOM   664 C CD1 . TRP A 1 84 ? -7.073  -4.371  -0.986  1.00 17.97 ? 277 TRP A CD1 1 
ATOM   665 C CD2 . TRP A 1 84 ? -6.544  -3.004  -2.690  1.00 17.42 ? 277 TRP A CD2 1 
ATOM   666 N NE1 . TRP A 1 84 ? -8.249  -3.936  -1.553  1.00 15.82 ? 277 TRP A NE1 1 
ATOM   667 C CE2 . TRP A 1 84 ? -7.959  -3.098  -2.601  1.00 18.68 ? 277 TRP A CE2 1 
ATOM   668 C CE3 . TRP A 1 84 ? -5.976  -2.190  -3.691  1.00 16.51 ? 277 TRP A CE3 1 
ATOM   669 C CZ2 . TRP A 1 84 ? -8.811  -2.408  -3.475  1.00 19.90 ? 277 TRP A CZ2 1 
ATOM   670 C CZ3 . TRP A 1 84 ? -6.824  -1.500  -4.561  1.00 16.21 ? 277 TRP A CZ3 1 
ATOM   671 C CH2 . TRP A 1 84 ? -8.228  -1.615  -4.450  1.00 19.64 ? 277 TRP A CH2 1 
ATOM   672 N N   . GLU A 1 85 ? -2.152  -6.205  -2.958  1.00 12.05 ? 278 GLU A N   1 
ATOM   673 C CA  . GLU A 1 85 ? -0.725  -6.293  -3.218  1.00 13.01 ? 278 GLU A CA  1 
ATOM   674 C C   . GLU A 1 85 ? -0.392  -5.344  -4.383  1.00 13.51 ? 278 GLU A C   1 
ATOM   675 O O   . GLU A 1 85 ? -1.014  -5.401  -5.453  1.00 13.27 ? 278 GLU A O   1 
ATOM   676 C CB  . GLU A 1 85 ? -0.316  -7.718  -3.547  1.00 15.26 ? 278 GLU A CB  1 
ATOM   677 C CG  . GLU A 1 85 ? 1.153   -7.839  -3.911  1.00 18.34 ? 278 GLU A CG  1 
ATOM   678 C CD  . GLU A 1 85 ? 1.602   -9.278  -4.120  1.00 22.60 ? 278 GLU A CD  1 
ATOM   679 O OE1 . GLU A 1 85 ? 0.743   -10.199 -4.128  1.00 22.11 ? 278 GLU A OE1 1 
ATOM   680 O OE2 . GLU A 1 85 ? 2.828   -9.472  -4.269  1.00 22.63 ? 278 GLU A OE2 1 
ATOM   681 N N   . PHE A 1 86 ? 0.596   -4.477  -4.169  1.00 13.72 ? 279 PHE A N   1 
ATOM   682 C CA  . PHE A 1 86 ? 0.986   -3.478  -5.159  1.00 11.39 ? 279 PHE A CA  1 
ATOM   683 C C   . PHE A 1 86 ? 2.291   -3.762  -5.853  1.00 8.37  ? 279 PHE A C   1 
ATOM   684 O O   . PHE A 1 86 ? 3.299   -3.999  -5.212  1.00 11.55 ? 279 PHE A O   1 
ATOM   685 C CB  . PHE A 1 86 ? 1.036   -2.076  -4.513  1.00 11.62 ? 279 PHE A CB  1 
ATOM   686 C CG  . PHE A 1 86 ? -0.308  -1.604  -3.982  1.00 12.71 ? 279 PHE A CG  1 
ATOM   687 C CD1 . PHE A 1 86 ? -1.277  -1.082  -4.849  1.00 14.17 ? 279 PHE A CD1 1 
ATOM   688 C CD2 . PHE A 1 86 ? -0.626  -1.738  -2.632  1.00 13.67 ? 279 PHE A CD2 1 
ATOM   689 C CE1 . PHE A 1 86 ? -2.549  -0.706  -4.379  1.00 13.37 ? 279 PHE A CE1 1 
ATOM   690 C CE2 . PHE A 1 86 ? -1.887  -1.364  -2.155  1.00 14.95 ? 279 PHE A CE2 1 
ATOM   691 C CZ  . PHE A 1 86 ? -2.850  -0.849  -3.032  1.00 11.64 ? 279 PHE A CZ  1 
ATOM   692 N N   . GLU A 1 87 ? 2.248   -3.693  -7.174  1.00 10.51 ? 280 GLU A N   1 
ATOM   693 C CA  . GLU A 1 87 ? 3.401   -3.913  -8.038  1.00 12.20 ? 280 GLU A CA  1 
ATOM   694 C C   . GLU A 1 87 ? 3.614   -2.629  -8.829  1.00 11.50 ? 280 GLU A C   1 
ATOM   695 O O   . GLU A 1 87 ? 2.650   -1.986  -9.219  1.00 11.86 ? 280 GLU A O   1 
ATOM   696 C CB  . GLU A 1 87 ? 3.103   -5.034  -9.023  1.00 14.51 ? 280 GLU A CB  1 
ATOM   697 C CG  . GLU A 1 87 ? 2.989   -6.390  -8.366  1.00 19.42 ? 280 GLU A CG  1 
ATOM   698 C CD  . GLU A 1 87 ? 2.392   -7.420  -9.300  1.00 19.95 ? 280 GLU A CD  1 
ATOM   699 O OE1 . GLU A 1 87 ? 3.001   -7.732  -10.346 1.00 25.15 ? 280 GLU A OE1 1 
ATOM   700 O OE2 . GLU A 1 87 ? 1.301   -7.903  -8.974  1.00 23.73 ? 280 GLU A OE2 1 
ATOM   701 N N   . ASN A 1 88 ? 4.872   -2.273  -9.079  1.00 10.78 ? 281 ASN A N   1 
ATOM   702 C CA  . ASN A 1 88 ? 5.175   -1.055  -9.824  1.00 12.79 ? 281 ASN A CA  1 
ATOM   703 C C   . ASN A 1 88 ? 5.375   -1.298  -11.337 1.00 13.47 ? 281 ASN A C   1 
ATOM   704 O O   . ASN A 1 88 ? 5.891   -2.341  -11.750 1.00 14.59 ? 281 ASN A O   1 
ATOM   705 C CB  . ASN A 1 88 ? 6.407   -0.381  -9.220  1.00 13.80 ? 281 ASN A CB  1 
ATOM   706 C CG  . ASN A 1 88 ? 6.440   1.109   -9.481  1.00 13.82 ? 281 ASN A CG  1 
ATOM   707 O OD1 . ASN A 1 88 ? 6.128   1.911   -8.605  1.00 14.75 ? 281 ASN A OD1 1 
ATOM   708 N ND2 . ASN A 1 88 ? 6.788   1.483   -10.695 1.00 9.09  ? 281 ASN A ND2 1 
ATOM   709 N N   . GLU A 1 89 ? 4.949   -0.345  -12.161 1.00 12.92 ? 282 GLU A N   1 
ATOM   710 C CA  . GLU A 1 89 ? 5.105   -0.445  -13.628 1.00 13.16 ? 282 GLU A CA  1 
ATOM   711 C C   . GLU A 1 89 ? 6.580   -0.461  -14.038 1.00 13.06 ? 282 GLU A C   1 
ATOM   712 O O   . GLU A 1 89 ? 6.956   -1.103  -15.014 1.00 13.16 ? 282 GLU A O   1 
ATOM   713 C CB  . GLU A 1 89 ? 4.513   0.783   -14.321 1.00 16.47 ? 282 GLU A CB  1 
ATOM   714 C CG  . GLU A 1 89 ? 3.181   1.248   -13.825 1.00 18.80 ? 282 GLU A CG  1 
ATOM   715 C CD  . GLU A 1 89 ? 2.856   2.663   -14.282 1.00 17.39 ? 282 GLU A CD  1 
ATOM   716 O OE1 . GLU A 1 89 ? 3.595   3.212   -15.114 1.00 17.50 ? 282 GLU A OE1 1 
ATOM   717 O OE2 . GLU A 1 89 ? 1.854   3.216   -13.814 1.00 17.40 ? 282 GLU A OE2 1 
ATOM   718 N N   . ARG A 1 90 ? 7.380   0.340   -13.336 1.00 16.82 ? 283 ARG A N   1 
ATOM   719 C CA  . ARG A 1 90 ? 8.812   0.500   -13.598 1.00 20.23 ? 283 ARG A CA  1 
ATOM   720 C C   . ARG A 1 90 ? 9.639   -0.700  -13.191 1.00 23.16 ? 283 ARG A C   1 
ATOM   721 O O   . ARG A 1 90 ? 9.713   -1.062  -12.017 1.00 26.47 ? 283 ARG A O   1 
ATOM   722 C CB  . ARG A 1 90 ? 9.325   1.762   -12.918 1.00 21.52 ? 283 ARG A CB  1 
ATOM   723 C CG  . ARG A 1 90 ? 8.527   3.008   -13.323 1.00 23.55 ? 283 ARG A CG  1 
ATOM   724 C CD  . ARG A 1 90 ? 8.254   3.906   -12.120 1.00 25.32 ? 283 ARG A CD  1 
ATOM   725 N NE  . ARG A 1 90 ? 7.376   5.027   -12.439 1.00 24.23 ? 283 ARG A NE  1 
ATOM   726 C CZ  . ARG A 1 90 ? 7.227   6.104   -11.670 1.00 28.42 ? 283 ARG A CZ  1 
ATOM   727 N NH1 . ARG A 1 90 ? 7.902   6.223   -10.531 1.00 28.13 ? 283 ARG A NH1 1 
ATOM   728 N NH2 . ARG A 1 90 ? 6.392   7.069   -12.033 1.00 29.23 ? 283 ARG A NH2 1 
ATOM   729 N N   . HIS A 1 91 ? 10.241  -1.324  -14.192 1.00 27.97 ? 284 HIS A N   1 
ATOM   730 C CA  . HIS A 1 91 ? 11.054  -2.521  -14.023 1.00 32.65 ? 284 HIS A CA  1 
ATOM   731 C C   . HIS A 1 91 ? 12.508  -2.201  -14.306 1.00 33.92 ? 284 HIS A C   1 
ATOM   732 O O   . HIS A 1 91 ? 12.813  -1.141  -14.860 1.00 33.49 ? 284 HIS A O   1 
ATOM   733 C CB  . HIS A 1 91 ? 10.557  -3.637  -14.967 1.00 38.39 ? 284 HIS A CB  1 
ATOM   734 C CG  . HIS A 1 91 ? 10.016  -3.141  -16.284 1.00 43.42 ? 284 HIS A CG  1 
ATOM   735 N ND1 . HIS A 1 91 ? 8.762   -2.578  -16.415 1.00 44.95 ? 284 HIS A ND1 1 
ATOM   736 C CD2 . HIS A 1 91 ? 10.564  -3.121  -17.526 1.00 46.77 ? 284 HIS A CD2 1 
ATOM   737 C CE1 . HIS A 1 91 ? 8.560   -2.227  -17.673 1.00 45.33 ? 284 HIS A CE1 1 
ATOM   738 N NE2 . HIS A 1 91 ? 9.636   -2.547  -18.367 1.00 47.30 ? 284 HIS A NE2 1 
ATOM   739 N N   . ALA A 1 92 ? 13.393  -3.098  -13.881 1.00 35.55 ? 285 ALA A N   1 
ATOM   740 C CA  . ALA A 1 92 ? 14.825  -2.945  -14.097 1.00 37.79 ? 285 ALA A CA  1 
ATOM   741 C C   . ALA A 1 92 ? 15.231  -3.444  -15.498 1.00 38.84 ? 285 ALA A C   1 
ATOM   742 O O   . ALA A 1 92 ? 14.652  -4.443  -15.987 1.00 39.72 ? 285 ALA A O   1 
ATOM   743 C CB  . ALA A 1 92 ? 15.597  -3.684  -13.018 1.00 34.95 ? 285 ALA A CB  1 
ATOM   744 O OXT . ALA A 1 92 ? 16.105  -2.801  -16.115 1.00 42.89 ? 285 ALA A OXT 1 
HETATM 745 C C   . ACY B 2 .  ? 9.268   2.963   -2.731  1.00 15.19 ? 337 ACY A C   1 
HETATM 746 O O   . ACY B 2 .  ? 10.173  2.120   -2.602  1.00 16.37 ? 337 ACY A O   1 
HETATM 747 O OXT . ACY B 2 .  ? 9.074   3.585   -3.797  1.00 15.36 ? 337 ACY A OXT 1 
HETATM 748 C CH3 . ACY B 2 .  ? 8.363   3.230   -1.525  1.00 15.82 ? 337 ACY A CH3 1 
HETATM 749 C C   . ACY C 2 .  ? -5.458  -5.279  14.864  1.00 22.42 ? 339 ACY A C   1 
HETATM 750 O O   . ACY C 2 .  ? -6.108  -5.451  13.811  1.00 21.63 ? 339 ACY A O   1 
HETATM 751 O OXT . ACY C 2 .  ? -5.511  -4.248  15.568  1.00 27.24 ? 339 ACY A OXT 1 
HETATM 752 C CH3 . ACY C 2 .  ? -4.561  -6.379  15.338  1.00 23.55 ? 339 ACY A CH3 1 
HETATM 753 O O   . HOH D 3 .  ? 14.197  15.424  -0.385  1.00 32.10 ? 701 HOH A O   1 
HETATM 754 O O   . HOH D 3 .  ? -11.544 6.125   6.243   1.00 37.06 ? 702 HOH A O   1 
HETATM 755 O O   . HOH D 3 .  ? 2.248   13.252  -4.176  1.00 21.33 ? 703 HOH A O   1 
HETATM 756 O O   . HOH D 3 .  ? 10.900  8.197   4.782   1.00 39.86 ? 704 HOH A O   1 
HETATM 757 O O   . HOH D 3 .  ? 8.434   17.376  0.348   1.00 49.60 ? 705 HOH A O   1 
HETATM 758 O O   . HOH D 3 .  ? 3.129   14.228  -1.632  1.00 16.93 ? 706 HOH A O   1 
HETATM 759 O O   . HOH D 3 .  ? -0.767  -6.681  -7.812  1.00 12.31 ? 707 HOH A O   1 
HETATM 760 O O   . HOH D 3 .  ? -2.970  -8.434  -7.403  1.00 17.14 ? 708 HOH A O   1 
HETATM 761 O O   . HOH D 3 .  ? -4.227  0.066   -11.341 1.00 15.89 ? 709 HOH A O   1 
HETATM 762 O O   . HOH D 3 .  ? -4.292  -0.140  -8.541  1.00 12.02 ? 710 HOH A O   1 
HETATM 763 O O   . HOH D 3 .  ? 1.394   5.825   -13.174 1.00 25.59 ? 711 HOH A O   1 
HETATM 764 O O   . HOH D 3 .  ? 6.046   -2.849  8.139   1.00 20.55 ? 712 HOH A O   1 
HETATM 765 O O   . HOH D 3 .  ? -6.955  2.546   -9.684  1.00 23.09 ? 713 HOH A O   1 
HETATM 766 O O   . HOH D 3 .  ? 6.685   5.013   -4.429  1.00 14.03 ? 714 HOH A O   1 
HETATM 767 O O   . HOH D 3 .  ? 2.746   -4.817  13.071  1.00 26.38 ? 715 HOH A O   1 
HETATM 768 O O   . HOH D 3 .  ? 6.802   -4.136  -8.361  1.00 16.50 ? 716 HOH A O   1 
HETATM 769 O O   . HOH D 3 .  ? 10.806  3.318   8.702   1.00 19.34 ? 717 HOH A O   1 
HETATM 770 O O   . HOH D 3 .  ? -10.898 3.966   3.670   1.00 28.62 ? 718 HOH A O   1 
HETATM 771 O O   . HOH D 3 .  ? 7.294   5.231   10.849  1.00 29.01 ? 719 HOH A O   1 
HETATM 772 O O   . HOH D 3 .  ? 8.851   -8.056  4.824   1.00 44.73 ? 720 HOH A O   1 
HETATM 773 O O   . HOH D 3 .  ? 8.357   -4.451  5.163   1.00 18.02 ? 721 HOH A O   1 
HETATM 774 O O   . HOH D 3 .  ? 12.258  9.310   2.293   1.00 20.70 ? 722 HOH A O   1 
HETATM 775 O O   . HOH D 3 .  ? -3.674  -7.951  -4.643  1.00 17.45 ? 723 HOH A O   1 
HETATM 776 O O   . HOH D 3 .  ? -3.805  8.894   -9.103  1.00 19.37 ? 724 HOH A O   1 
HETATM 777 O O   . HOH D 3 .  ? 9.776   -2.852  -6.312  1.00 13.79 ? 725 HOH A O   1 
HETATM 778 O O   . HOH D 3 .  ? -8.434  5.587   -5.568  1.00 24.51 ? 726 HOH A O   1 
HETATM 779 O O   . HOH D 3 .  ? -11.573 4.569   0.611   1.00 23.54 ? 727 HOH A O   1 
HETATM 780 O O   . HOH D 3 .  ? 11.255  -8.198  2.351   1.00 26.51 ? 728 HOH A O   1 
HETATM 781 O O   . HOH D 3 .  ? 6.767   -9.622  -5.058  1.00 30.26 ? 729 HOH A O   1 
HETATM 782 O O   . HOH D 3 .  ? 4.723   2.438   -17.794 1.00 52.62 ? 730 HOH A O   1 
HETATM 783 O O   . HOH D 3 .  ? 9.340   14.088  -7.585  1.00 34.58 ? 731 HOH A O   1 
HETATM 784 O O   . HOH D 3 .  ? -10.040 -15.632 -12.188 1.00 38.61 ? 732 HOH A O   1 
HETATM 785 O O   . HOH D 3 .  ? -7.121  0.069   -7.705  1.00 21.13 ? 733 HOH A O   1 
HETATM 786 O O   . HOH D 3 .  ? -3.061  3.928   15.068  1.00 30.69 ? 734 HOH A O   1 
HETATM 787 O O   . HOH D 3 .  ? 13.324  -7.079  -8.679  1.00 28.00 ? 735 HOH A O   1 
HETATM 788 O O   . HOH D 3 .  ? -5.893  -9.842  -3.750  1.00 49.63 ? 736 HOH A O   1 
HETATM 789 O O   . HOH D 3 .  ? -4.146  -11.827 2.875   1.00 34.36 ? 737 HOH A O   1 
HETATM 790 O O   . HOH D 3 .  ? -3.380  -5.119  6.502   1.00 11.96 ? 738 HOH A O   1 
HETATM 791 O O   . HOH D 3 .  ? -1.359  12.156  11.762  1.00 56.42 ? 739 HOH A O   1 
HETATM 792 O O   . HOH D 3 .  ? 12.417  3.845   6.250   1.00 28.04 ? 740 HOH A O   1 
HETATM 793 O O   . HOH D 3 .  ? 12.146  6.664   6.801   1.00 37.76 ? 741 HOH A O   1 
HETATM 794 O O   . HOH D 3 .  ? -5.751  3.808   14.955  1.00 32.41 ? 742 HOH A O   1 
HETATM 795 O O   . HOH D 3 .  ? -6.943  8.998   8.228   1.00 51.85 ? 743 HOH A O   1 
HETATM 796 O O   . HOH D 3 .  ? -9.097  5.104   13.013  1.00 42.90 ? 744 HOH A O   1 
HETATM 797 O O   . HOH D 3 .  ? -8.619  6.456   8.971   1.00 65.34 ? 745 HOH A O   1 
HETATM 798 O O   . HOH D 3 .  ? -0.442  -10.102 8.575   1.00 35.18 ? 746 HOH A O   1 
HETATM 799 O O   . HOH D 3 .  ? -4.739  -2.527  -11.779 1.00 20.23 ? 747 HOH A O   1 
HETATM 800 O O   . HOH D 3 .  ? 8.113   -12.623 -2.310  1.00 16.35 ? 748 HOH A O   1 
HETATM 801 O O   . HOH D 3 .  ? -8.052  -3.542  13.539  1.00 20.84 ? 749 HOH A O   1 
HETATM 802 O O   . HOH D 3 .  ? -3.528  -6.971  8.410   1.00 24.60 ? 750 HOH A O   1 
HETATM 803 O O   . HOH D 3 .  ? -10.109 -5.315  -5.613  1.00 28.33 ? 751 HOH A O   1 
HETATM 804 O O   . HOH D 3 .  ? -10.707 10.022  -1.503  1.00 34.44 ? 752 HOH A O   1 
HETATM 805 O O   . HOH D 3 .  ? 2.768   5.301   -16.859 1.00 29.25 ? 753 HOH A O   1 
HETATM 806 O O   . HOH D 3 .  ? 3.456   15.889  7.853   1.00 37.44 ? 754 HOH A O   1 
HETATM 807 O O   . HOH D 3 .  ? 9.540   -0.906  -20.788 1.00 46.50 ? 755 HOH A O   1 
HETATM 808 O O   . HOH D 3 .  ? 13.211  -2.459  8.282   1.00 43.20 ? 756 HOH A O   1 
HETATM 809 O O   . HOH D 3 .  ? -8.334  14.054  -0.408  1.00 46.49 ? 757 HOH A O   1 
HETATM 810 O O   . HOH D 3 .  ? 5.349   14.587  -7.126  1.00 42.21 ? 758 HOH A O   1 
HETATM 811 O O   . HOH D 3 .  ? -10.660 12.524  0.728   1.00 44.73 ? 759 HOH A O   1 
HETATM 812 O O   . HOH D 3 .  ? 3.602   11.220  9.284   1.00 53.15 ? 760 HOH A O   1 
HETATM 813 O O   . HOH D 3 .  ? -5.119  11.249  -9.642  1.00 39.88 ? 761 HOH A O   1 
HETATM 814 O O   . HOH D 3 .  ? 9.386   -0.177  -7.480  1.00 23.13 ? 762 HOH A O   1 
HETATM 815 O O   . HOH D 3 .  ? -15.585 -6.997  -10.673 1.00 29.47 ? 763 HOH A O   1 
HETATM 816 O O   . HOH D 3 .  ? -3.193  -11.370 8.126   1.00 40.49 ? 764 HOH A O   1 
HETATM 817 O O   . HOH D 3 .  ? -10.547 11.038  6.518   1.00 24.94 ? 765 HOH A O   1 
HETATM 818 O O   . HOH D 3 .  ? -8.372  -9.221  -8.983  1.00 38.74 ? 766 HOH A O   1 
HETATM 819 O O   . HOH D 3 .  ? 10.389  0.143   -17.121 1.00 31.55 ? 767 HOH A O   1 
HETATM 820 O O   . HOH D 3 .  ? -1.438  14.406  6.676   1.00 47.14 ? 768 HOH A O   1 
HETATM 821 O O   . HOH D 3 .  ? 7.108   -4.100  -14.788 1.00 33.21 ? 769 HOH A O   1 
HETATM 822 O O   . HOH D 3 .  ? 7.713   10.001  7.992   1.00 45.07 ? 770 HOH A O   1 
HETATM 823 O O   . HOH D 3 .  ? 8.417   17.774  -3.615  1.00 56.49 ? 771 HOH A O   1 
HETATM 824 O O   . HOH D 3 .  ? 1.197   13.898  3.179   1.00 31.31 ? 772 HOH A O   1 
HETATM 825 O O   . HOH D 3 .  ? 10.872  -0.091  -9.649  1.00 35.59 ? 773 HOH A O   1 
HETATM 826 O O   . HOH D 3 .  ? 14.530  -11.956 0.977   1.00 54.24 ? 774 HOH A O   1 
HETATM 827 O O   . HOH D 3 .  ? 5.153   17.021  -4.318  1.00 60.85 ? 775 HOH A O   1 
HETATM 828 O O   . HOH D 3 .  ? 5.064   -7.048  -11.943 1.00 37.53 ? 776 HOH A O   1 
HETATM 829 O O   . HOH D 3 .  ? -11.564 0.087   8.501   1.00 35.37 ? 777 HOH A O   1 
HETATM 830 O O   . HOH D 3 .  ? -6.566  12.738  1.759   1.00 57.71 ? 778 HOH A O   1 
HETATM 831 O O   . HOH D 3 .  ? -14.383 -2.519  12.857  1.00 48.87 ? 779 HOH A O   1 
HETATM 832 O O   . HOH D 3 .  ? 14.615  -6.620  -18.430 1.00 40.37 ? 780 HOH A O   1 
HETATM 833 O O   . HOH D 3 .  ? -7.252  13.787  13.944  1.00 55.18 ? 781 HOH A O   1 
# 
